data_3WMR
#
_entry.id   3WMR
#
_cell.length_a   52.870
_cell.length_b   72.620
_cell.length_c   75.450
_cell.angle_alpha   114.02
_cell.angle_beta   98.39
_cell.angle_gamma   98.50
#
_symmetry.space_group_name_H-M   'P 1'
#
loop_
_entity.id
_entity.type
_entity.pdbx_description
1 polymer 'Proline iminopeptidase'
2 non-polymer GLYCEROL
3 non-polymer 1-ETHOXY-2-(2-ETHOXYETHOXY)ETHANE
4 water water
#
_entity_poly.entity_id   1
_entity_poly.type   'polypeptide(L)'
_entity_poly.pdbx_seq_one_letter_code
;MNHKVHHHHHHIEGRHMSKPPSAKGTVPFGQYRTWYRVTGDLHSGKPPVVLLHGGPGSTHDYLLAMTSLTEAGWPVVHYD
QLGNGGSTHLPEKGEDFWTVQLFEDELDNLLNQLGIAGDYVLFGQSWGGMLGSVHAARRPAGLRGLVVANAPASMKIWLQ
EMARLRALLPPDVQETLLKHEAARTTDTEEYFHAMRAFYDRHVCRIVPWPRDFAATFMEIYNDPTVYTTMNGPNEFHVIG
TLRDWSVEDCLPDIQVPTMVLIGRHDEATPATVKPFLDLVPDVRYEVLENSSHVPHLEEPERFHEVMIDYLESLV
;
_entity_poly.pdbx_strand_id   A,B,C
#
# COMPACT_ATOMS: atom_id res chain seq x y z
N PRO A 20 -40.46 -8.74 3.85
CA PRO A 20 -41.85 -8.26 3.74
C PRO A 20 -41.95 -6.95 2.91
N PRO A 21 -42.17 -7.07 1.58
CA PRO A 21 -41.99 -5.98 0.60
C PRO A 21 -43.08 -4.91 0.46
N SER A 22 -42.67 -3.66 0.27
CA SER A 22 -43.59 -2.55 0.11
C SER A 22 -44.12 -2.46 -1.32
N ALA A 23 -43.44 -3.15 -2.25
CA ALA A 23 -43.87 -3.21 -3.65
C ALA A 23 -43.13 -4.32 -4.39
N LYS A 24 -43.78 -4.92 -5.39
CA LYS A 24 -43.16 -5.94 -6.23
C LYS A 24 -43.89 -6.06 -7.56
N GLY A 25 -43.21 -6.60 -8.56
CA GLY A 25 -43.79 -6.75 -9.89
C GLY A 25 -42.69 -6.87 -10.91
N THR A 26 -43.00 -6.50 -12.15
CA THR A 26 -41.99 -6.44 -13.20
C THR A 26 -41.97 -5.09 -13.87
N VAL A 27 -40.89 -4.81 -14.57
CA VAL A 27 -40.80 -3.64 -15.43
C VAL A 27 -40.43 -4.14 -16.82
N PRO A 28 -40.89 -3.45 -17.88
CA PRO A 28 -40.49 -3.90 -19.22
C PRO A 28 -39.01 -3.60 -19.45
N PHE A 29 -38.31 -4.57 -20.02
CA PHE A 29 -36.94 -4.40 -20.45
C PHE A 29 -36.97 -4.79 -21.92
N GLY A 30 -37.12 -3.78 -22.77
CA GLY A 30 -37.40 -3.99 -24.18
C GLY A 30 -38.49 -5.02 -24.33
N GLN A 31 -38.16 -6.09 -25.05
CA GLN A 31 -39.08 -7.18 -25.36
C GLN A 31 -39.42 -8.07 -24.15
N TYR A 32 -38.64 -7.99 -23.08
CA TYR A 32 -38.77 -8.93 -21.94
C TYR A 32 -39.17 -8.20 -20.66
N ARG A 33 -39.29 -8.95 -19.57
CA ARG A 33 -39.66 -8.42 -18.26
C ARG A 33 -38.55 -8.66 -17.22
N THR A 34 -38.31 -7.68 -16.35
CA THR A 34 -37.39 -7.81 -15.22
C THR A 34 -38.20 -7.73 -13.93
N TRP A 35 -38.08 -8.75 -13.08
CA TRP A 35 -38.80 -8.80 -11.81
C TRP A 35 -38.03 -8.15 -10.67
N TYR A 36 -38.74 -7.39 -9.83
CA TYR A 36 -38.15 -6.64 -8.72
C TYR A 36 -39.02 -6.67 -7.47
N ARG A 37 -38.45 -6.18 -6.39
CA ARG A 37 -39.15 -6.04 -5.12
C ARG A 37 -38.48 -4.93 -4.30
N VAL A 38 -39.29 -4.02 -3.73
CA VAL A 38 -38.79 -2.98 -2.84
C VAL A 38 -39.21 -3.28 -1.41
N THR A 39 -38.27 -3.13 -0.48
CA THR A 39 -38.60 -3.16 0.94
C THR A 39 -38.32 -1.78 1.51
N GLY A 40 -39.26 -1.28 2.31
CA GLY A 40 -39.21 0.09 2.84
C GLY A 40 -39.75 1.10 1.83
N ASP A 41 -39.47 2.38 2.06
CA ASP A 41 -40.07 3.47 1.27
C ASP A 41 -39.01 4.13 0.39
N LEU A 42 -39.16 4.00 -0.93
CA LEU A 42 -38.15 4.45 -1.92
C LEU A 42 -37.69 5.90 -1.73
N HIS A 43 -38.65 6.80 -1.53
CA HIS A 43 -38.33 8.23 -1.45
C HIS A 43 -38.55 8.80 -0.06
N SER A 44 -38.11 8.06 0.95
CA SER A 44 -37.94 8.62 2.30
C SER A 44 -36.55 9.25 2.37
N GLY A 45 -36.09 9.57 3.57
CA GLY A 45 -34.82 10.26 3.75
C GLY A 45 -33.54 9.65 3.17
N LYS A 46 -33.56 8.38 2.78
CA LYS A 46 -32.33 7.69 2.35
C LYS A 46 -32.43 7.06 0.96
N PRO A 47 -31.32 7.06 0.23
CA PRO A 47 -31.34 6.49 -1.11
C PRO A 47 -31.44 4.97 -1.11
N PRO A 48 -32.08 4.41 -2.15
CA PRO A 48 -32.19 2.96 -2.22
C PRO A 48 -30.84 2.24 -2.29
N VAL A 49 -30.73 1.10 -1.62
CA VAL A 49 -29.61 0.17 -1.86
C VAL A 49 -30.08 -0.91 -2.83
N VAL A 50 -29.51 -0.90 -4.05
CA VAL A 50 -29.89 -1.82 -5.11
C VAL A 50 -28.92 -3.00 -5.07
N LEU A 51 -29.48 -4.22 -4.96
CA LEU A 51 -28.72 -5.44 -4.75
C LEU A 51 -28.59 -6.23 -6.05
N LEU A 52 -27.35 -6.45 -6.48
CA LEU A 52 -27.07 -7.27 -7.64
C LEU A 52 -26.67 -8.67 -7.18
N HIS A 53 -27.50 -9.66 -7.48
CA HIS A 53 -27.17 -11.05 -7.15
C HIS A 53 -26.07 -11.64 -8.04
N GLY A 54 -25.54 -12.77 -7.58
CA GLY A 54 -24.44 -13.47 -8.25
C GLY A 54 -24.85 -14.42 -9.35
N GLY A 55 -24.00 -15.42 -9.60
CA GLY A 55 -24.12 -16.31 -10.75
C GLY A 55 -23.05 -16.01 -11.81
N PRO A 56 -23.44 -15.37 -12.94
CA PRO A 56 -24.78 -14.97 -13.37
C PRO A 56 -25.76 -16.14 -13.32
N GLY A 57 -27.06 -15.83 -13.28
CA GLY A 57 -28.09 -16.87 -13.37
C GLY A 57 -28.57 -17.37 -12.02
N SER A 58 -28.20 -16.65 -10.96
CA SER A 58 -28.69 -16.94 -9.64
C SER A 58 -30.01 -16.13 -9.46
N THR A 59 -30.48 -15.97 -8.23
CA THR A 59 -31.65 -15.16 -7.99
C THR A 59 -31.44 -14.31 -6.75
N HIS A 60 -32.36 -13.39 -6.52
CA HIS A 60 -32.30 -12.47 -5.37
C HIS A 60 -32.51 -13.16 -4.03
N ASP A 61 -33.07 -14.37 -4.07
CA ASP A 61 -33.65 -15.00 -2.86
C ASP A 61 -32.67 -15.15 -1.71
N TYR A 62 -31.47 -15.64 -2.00
CA TYR A 62 -30.41 -15.80 -0.97
C TYR A 62 -29.93 -14.47 -0.36
N LEU A 63 -30.30 -13.34 -0.96
CA LEU A 63 -29.95 -12.02 -0.41
C LEU A 63 -31.05 -11.43 0.46
N LEU A 64 -32.12 -12.18 0.74
CA LEU A 64 -33.32 -11.62 1.40
C LEU A 64 -33.07 -11.14 2.83
N ALA A 65 -32.08 -11.71 3.49
CA ALA A 65 -31.60 -11.21 4.79
C ALA A 65 -31.33 -9.71 4.84
N MET A 66 -30.92 -9.15 3.71
CA MET A 66 -30.54 -7.75 3.66
C MET A 66 -31.70 -6.74 3.73
N THR A 67 -32.93 -7.24 3.83
CA THR A 67 -34.06 -6.40 4.25
C THR A 67 -33.85 -5.83 5.66
N SER A 68 -32.92 -6.40 6.43
CA SER A 68 -32.57 -5.84 7.73
C SER A 68 -32.16 -4.37 7.63
N LEU A 69 -31.49 -3.99 6.55
CA LEU A 69 -31.06 -2.60 6.38
C LEU A 69 -32.20 -1.58 6.47
N THR A 70 -33.43 -1.97 6.10
CA THR A 70 -34.59 -1.06 6.20
C THR A 70 -34.89 -0.69 7.66
N GLU A 71 -34.38 -1.47 8.59
CA GLU A 71 -34.52 -1.20 10.02
C GLU A 71 -33.86 0.14 10.37
N ALA A 72 -32.83 0.52 9.61
CA ALA A 72 -32.09 1.77 9.82
C ALA A 72 -32.44 2.83 8.78
N GLY A 73 -33.56 2.65 8.09
CA GLY A 73 -34.07 3.64 7.14
C GLY A 73 -33.68 3.46 5.67
N TRP A 74 -32.91 2.43 5.35
CA TRP A 74 -32.46 2.22 3.98
C TRP A 74 -33.49 1.42 3.18
N PRO A 75 -34.04 2.02 2.11
CA PRO A 75 -34.81 1.23 1.14
C PRO A 75 -33.92 0.20 0.47
N VAL A 76 -34.46 -1.00 0.27
CA VAL A 76 -33.70 -2.08 -0.34
C VAL A 76 -34.44 -2.64 -1.56
N VAL A 77 -33.74 -2.66 -2.70
CA VAL A 77 -34.29 -3.17 -3.95
C VAL A 77 -33.62 -4.50 -4.31
N HIS A 78 -34.40 -5.59 -4.18
CA HIS A 78 -33.99 -6.91 -4.70
C HIS A 78 -34.53 -7.03 -6.11
N TYR A 79 -33.78 -7.69 -6.99
CA TYR A 79 -34.30 -8.07 -8.30
C TYR A 79 -33.66 -9.31 -8.90
N ASP A 80 -34.40 -9.97 -9.79
CA ASP A 80 -33.91 -11.13 -10.51
C ASP A 80 -33.48 -10.69 -11.88
N GLN A 81 -32.23 -10.94 -12.20
CA GLN A 81 -31.69 -10.65 -13.52
C GLN A 81 -32.35 -11.50 -14.62
N LEU A 82 -32.30 -11.01 -15.84
CA LEU A 82 -32.99 -11.68 -16.96
C LEU A 82 -32.47 -13.09 -17.12
N GLY A 83 -33.38 -14.02 -17.31
CA GLY A 83 -33.05 -15.42 -17.56
C GLY A 83 -33.43 -16.35 -16.43
N ASN A 84 -33.66 -15.81 -15.24
CA ASN A 84 -34.06 -16.66 -14.11
C ASN A 84 -34.98 -15.97 -13.11
N GLY A 85 -35.51 -16.74 -12.17
CA GLY A 85 -36.43 -16.21 -11.17
C GLY A 85 -37.68 -15.63 -11.81
N GLY A 86 -38.12 -14.47 -11.31
CA GLY A 86 -39.36 -13.86 -11.73
C GLY A 86 -39.27 -13.14 -13.06
N SER A 87 -38.07 -13.03 -13.62
CA SER A 87 -37.88 -12.35 -14.90
C SER A 87 -38.14 -13.32 -16.06
N THR A 88 -38.11 -12.83 -17.29
CA THR A 88 -38.35 -13.67 -18.46
C THR A 88 -37.28 -14.77 -18.56
N HIS A 89 -37.72 -16.02 -18.70
CA HIS A 89 -36.83 -17.14 -18.98
C HIS A 89 -36.67 -17.28 -20.47
N LEU A 90 -35.45 -17.52 -20.92
CA LEU A 90 -35.15 -17.69 -22.33
C LEU A 90 -34.29 -18.95 -22.51
N PRO A 91 -34.86 -20.14 -22.24
CA PRO A 91 -34.10 -21.39 -22.33
C PRO A 91 -33.41 -21.61 -23.67
N GLU A 92 -33.98 -21.10 -24.75
CA GLU A 92 -33.43 -21.33 -26.09
C GLU A 92 -32.55 -20.19 -26.61
N LYS A 93 -32.12 -19.29 -25.72
CA LYS A 93 -31.07 -18.34 -26.04
C LYS A 93 -29.73 -18.93 -25.62
N GLY A 94 -28.72 -18.75 -26.47
CA GLY A 94 -27.41 -19.36 -26.28
C GLY A 94 -26.30 -18.39 -25.91
N GLU A 95 -25.06 -18.87 -26.06
CA GLU A 95 -23.87 -18.19 -25.56
C GLU A 95 -23.74 -16.73 -25.97
N ASP A 96 -24.02 -16.42 -27.24
CA ASP A 96 -23.79 -15.06 -27.73
C ASP A 96 -24.90 -14.06 -27.32
N PHE A 97 -25.99 -14.56 -26.74
CA PHE A 97 -27.05 -13.72 -26.17
C PHE A 97 -26.77 -13.30 -24.73
N TRP A 98 -26.11 -14.18 -23.97
CA TRP A 98 -25.89 -13.95 -22.54
C TRP A 98 -24.57 -13.22 -22.34
N THR A 99 -24.64 -11.90 -22.34
CA THR A 99 -23.47 -11.07 -22.28
C THR A 99 -23.51 -10.16 -21.07
N VAL A 100 -22.36 -9.64 -20.69
CA VAL A 100 -22.27 -8.63 -19.66
C VAL A 100 -23.06 -7.37 -20.08
N GLN A 101 -22.99 -6.99 -21.36
CA GLN A 101 -23.71 -5.81 -21.85
C GLN A 101 -25.21 -5.93 -21.61
N LEU A 102 -25.75 -7.12 -21.85
CA LEU A 102 -27.15 -7.39 -21.59
C LEU A 102 -27.55 -7.00 -20.17
N PHE A 103 -26.77 -7.48 -19.20
CA PHE A 103 -27.11 -7.27 -17.80
C PHE A 103 -26.85 -5.86 -17.33
N GLU A 104 -25.84 -5.19 -17.92
CA GLU A 104 -25.64 -3.75 -17.69
C GLU A 104 -26.85 -2.95 -18.14
N ASP A 105 -27.34 -3.30 -19.33
CA ASP A 105 -28.48 -2.62 -19.94
C ASP A 105 -29.73 -2.84 -19.11
N GLU A 106 -29.89 -4.05 -18.58
CA GLU A 106 -31.00 -4.39 -17.68
C GLU A 106 -30.96 -3.58 -16.38
N LEU A 107 -29.79 -3.49 -15.75
CA LEU A 107 -29.67 -2.72 -14.53
C LEU A 107 -30.00 -1.24 -14.79
N ASP A 108 -29.42 -0.65 -15.83
CA ASP A 108 -29.74 0.74 -16.21
C ASP A 108 -31.23 0.90 -16.44
N ASN A 109 -31.83 -0.02 -17.21
CA ASN A 109 -33.27 0.03 -17.47
C ASN A 109 -34.05 -0.01 -16.16
N LEU A 110 -33.64 -0.87 -15.24
CA LEU A 110 -34.36 -1.02 -13.96
C LEU A 110 -34.30 0.24 -13.09
N LEU A 111 -33.13 0.83 -12.98
CA LEU A 111 -32.99 2.07 -12.23
C LEU A 111 -33.89 3.16 -12.83
N ASN A 112 -33.97 3.20 -14.16
CA ASN A 112 -34.82 4.16 -14.87
C ASN A 112 -36.30 3.90 -14.61
N GLN A 113 -36.74 2.66 -14.80
CA GLN A 113 -38.16 2.30 -14.67
C GLN A 113 -38.68 2.54 -13.24
N LEU A 114 -37.84 2.27 -12.25
CA LEU A 114 -38.22 2.53 -10.85
C LEU A 114 -38.03 4.00 -10.43
N GLY A 115 -37.49 4.85 -11.32
CA GLY A 115 -37.31 6.27 -10.99
C GLY A 115 -36.29 6.53 -9.89
N ILE A 116 -35.24 5.72 -9.84
CA ILE A 116 -34.18 5.91 -8.84
C ILE A 116 -32.81 6.15 -9.46
N ALA A 117 -32.75 6.36 -10.77
CA ALA A 117 -31.46 6.57 -11.45
C ALA A 117 -30.76 7.82 -10.90
N GLY A 118 -31.51 8.75 -10.33
CA GLY A 118 -30.94 9.99 -9.79
C GLY A 118 -30.17 9.85 -8.48
N ASP A 119 -30.37 8.76 -7.74
CA ASP A 119 -29.76 8.60 -6.42
C ASP A 119 -29.88 7.16 -5.87
N TYR A 120 -28.76 6.45 -5.77
CA TYR A 120 -28.78 5.03 -5.41
C TYR A 120 -27.40 4.56 -4.96
N VAL A 121 -27.37 3.50 -4.16
CA VAL A 121 -26.15 2.81 -3.75
C VAL A 121 -26.23 1.41 -4.36
N LEU A 122 -25.10 0.87 -4.82
CA LEU A 122 -25.08 -0.49 -5.34
C LEU A 122 -24.33 -1.44 -4.42
N PHE A 123 -24.96 -2.59 -4.13
CA PHE A 123 -24.32 -3.71 -3.44
C PHE A 123 -24.33 -4.86 -4.44
N GLY A 124 -23.16 -5.39 -4.77
CA GLY A 124 -23.06 -6.45 -5.75
C GLY A 124 -22.37 -7.62 -5.10
N GLN A 125 -23.06 -8.77 -5.06
CA GLN A 125 -22.54 -9.97 -4.43
C GLN A 125 -22.09 -10.97 -5.48
N SER A 126 -20.84 -11.44 -5.42
CA SER A 126 -20.32 -12.44 -6.39
C SER A 126 -20.23 -11.79 -7.77
N TRP A 127 -20.66 -12.48 -8.82
CA TRP A 127 -20.83 -11.87 -10.15
C TRP A 127 -21.41 -10.44 -10.11
N GLY A 128 -22.41 -10.22 -9.26
CA GLY A 128 -23.06 -8.93 -9.12
C GLY A 128 -22.11 -7.81 -8.72
N GLY A 129 -21.07 -8.14 -7.98
CA GLY A 129 -20.04 -7.19 -7.62
C GLY A 129 -19.18 -6.84 -8.83
N MET A 130 -19.04 -7.78 -9.75
CA MET A 130 -18.29 -7.55 -10.99
C MET A 130 -19.09 -6.67 -11.95
N LEU A 131 -20.36 -7.01 -12.11
CA LEU A 131 -21.34 -6.20 -12.83
C LEU A 131 -21.40 -4.79 -12.23
N GLY A 132 -21.57 -4.70 -10.90
CA GLY A 132 -21.56 -3.41 -10.21
C GLY A 132 -20.35 -2.56 -10.53
N SER A 133 -19.17 -3.19 -10.61
CA SER A 133 -17.92 -2.46 -10.88
C SER A 133 -17.91 -1.89 -12.30
N VAL A 134 -18.39 -2.70 -13.25
CA VAL A 134 -18.48 -2.26 -14.65
C VAL A 134 -19.42 -1.05 -14.76
N HIS A 135 -20.57 -1.18 -14.13
CA HIS A 135 -21.52 -0.08 -14.03
C HIS A 135 -20.91 1.19 -13.39
N ALA A 136 -20.25 1.03 -12.23
CA ALA A 136 -19.63 2.16 -11.53
C ALA A 136 -18.49 2.82 -12.35
N ALA A 137 -17.86 2.06 -13.23
CA ALA A 137 -16.71 2.54 -13.98
C ALA A 137 -17.12 3.50 -15.10
N ARG A 138 -18.39 3.47 -15.47
CA ARG A 138 -18.95 4.43 -16.42
C ARG A 138 -19.33 5.75 -15.77
N ARG A 139 -19.17 5.84 -14.44
CA ARG A 139 -19.33 7.08 -13.71
C ARG A 139 -20.74 7.67 -13.87
N PRO A 140 -21.78 6.86 -13.58
CA PRO A 140 -23.15 7.38 -13.66
C PRO A 140 -23.39 8.40 -12.54
N ALA A 141 -24.22 9.41 -12.81
CA ALA A 141 -24.37 10.57 -11.92
C ALA A 141 -25.03 10.25 -10.59
N GLY A 142 -26.01 9.35 -10.59
CA GLY A 142 -26.78 9.07 -9.38
C GLY A 142 -26.14 8.12 -8.38
N LEU A 143 -25.08 7.45 -8.78
CA LEU A 143 -24.41 6.48 -7.92
C LEU A 143 -23.63 7.14 -6.77
N ARG A 144 -23.99 6.78 -5.54
CA ARG A 144 -23.34 7.29 -4.31
C ARG A 144 -22.18 6.44 -3.77
N GLY A 145 -22.24 5.14 -3.98
CA GLY A 145 -21.29 4.21 -3.41
C GLY A 145 -21.46 2.84 -4.01
N LEU A 146 -20.42 2.02 -3.93
CA LEU A 146 -20.43 0.67 -4.44
C LEU A 146 -19.90 -0.27 -3.39
N VAL A 147 -20.64 -1.36 -3.15
CA VAL A 147 -20.11 -2.46 -2.37
C VAL A 147 -19.91 -3.68 -3.29
N VAL A 148 -18.72 -4.24 -3.23
CA VAL A 148 -18.41 -5.48 -3.93
C VAL A 148 -18.12 -6.53 -2.85
N ALA A 149 -19.12 -7.40 -2.66
CA ALA A 149 -19.15 -8.37 -1.60
C ALA A 149 -18.93 -9.77 -2.16
N ASN A 150 -17.90 -10.47 -1.68
CA ASN A 150 -17.64 -11.86 -2.08
C ASN A 150 -17.47 -11.95 -3.58
N ALA A 151 -16.81 -10.94 -4.13
CA ALA A 151 -16.72 -10.79 -5.59
C ALA A 151 -15.29 -10.66 -6.02
N PRO A 152 -14.83 -11.53 -6.95
CA PRO A 152 -13.47 -11.44 -7.46
C PRO A 152 -13.34 -10.33 -8.48
N ALA A 153 -12.11 -9.83 -8.70
CA ALA A 153 -11.85 -8.84 -9.76
C ALA A 153 -11.56 -9.50 -11.10
N SER A 154 -11.23 -10.80 -11.06
CA SER A 154 -10.86 -11.55 -12.27
C SER A 154 -11.19 -13.02 -12.12
N MET A 155 -11.88 -13.58 -13.10
CA MET A 155 -12.12 -15.02 -13.10
C MET A 155 -10.85 -15.84 -13.33
N LYS A 156 -9.81 -15.22 -13.90
CA LYS A 156 -8.52 -15.89 -14.02
C LYS A 156 -7.89 -16.13 -12.66
N ILE A 157 -7.84 -15.07 -11.86
CA ILE A 157 -7.32 -15.19 -10.51
C ILE A 157 -8.24 -16.14 -9.71
N TRP A 158 -9.55 -16.04 -9.93
CA TRP A 158 -10.52 -16.95 -9.30
C TRP A 158 -10.11 -18.39 -9.55
N LEU A 159 -9.93 -18.79 -10.81
CA LEU A 159 -9.57 -20.16 -11.12
C LEU A 159 -8.22 -20.60 -10.54
N GLN A 160 -7.24 -19.71 -10.47
CA GLN A 160 -5.98 -20.04 -9.77
C GLN A 160 -6.21 -20.31 -8.28
N GLU A 161 -7.04 -19.48 -7.67
CA GLU A 161 -7.32 -19.64 -6.26
C GLU A 161 -8.18 -20.88 -5.97
N MET A 162 -9.09 -21.23 -6.87
CA MET A 162 -9.85 -22.48 -6.74
C MET A 162 -8.92 -23.69 -6.70
N ALA A 163 -7.93 -23.73 -7.58
CA ALA A 163 -6.95 -24.81 -7.60
C ALA A 163 -6.19 -24.86 -6.26
N ARG A 164 -5.89 -23.69 -5.70
CA ARG A 164 -5.20 -23.64 -4.42
C ARG A 164 -6.09 -24.23 -3.31
N LEU A 165 -7.34 -23.78 -3.26
CA LEU A 165 -8.28 -24.26 -2.22
C LEU A 165 -8.60 -25.73 -2.38
N ARG A 166 -8.71 -26.18 -3.64
CA ARG A 166 -9.03 -27.56 -3.94
C ARG A 166 -7.90 -28.50 -3.51
N ALA A 167 -6.66 -28.06 -3.69
CA ALA A 167 -5.48 -28.78 -3.18
C ALA A 167 -5.46 -28.96 -1.64
N LEU A 168 -6.26 -28.18 -0.91
CA LEU A 168 -6.39 -28.33 0.56
C LEU A 168 -7.54 -29.26 0.97
N LEU A 169 -8.30 -29.74 0.00
CA LEU A 169 -9.32 -30.75 0.27
C LEU A 169 -8.67 -32.11 0.49
N PRO A 170 -9.41 -33.07 1.09
CA PRO A 170 -8.88 -34.43 1.21
C PRO A 170 -8.52 -35.04 -0.16
N PRO A 171 -7.46 -35.86 -0.21
CA PRO A 171 -7.03 -36.41 -1.50
C PRO A 171 -8.17 -37.12 -2.27
N ASP A 172 -8.99 -37.92 -1.60
CA ASP A 172 -10.09 -38.63 -2.26
C ASP A 172 -11.13 -37.68 -2.87
N VAL A 173 -11.37 -36.56 -2.21
CA VAL A 173 -12.31 -35.55 -2.69
C VAL A 173 -11.74 -34.94 -3.97
N GLN A 174 -10.46 -34.58 -3.94
CA GLN A 174 -9.77 -34.02 -5.11
C GLN A 174 -9.90 -34.95 -6.31
N GLU A 175 -9.66 -36.25 -6.11
CA GLU A 175 -9.76 -37.23 -7.21
C GLU A 175 -11.17 -37.38 -7.73
N THR A 176 -12.14 -37.39 -6.81
CA THR A 176 -13.54 -37.46 -7.18
C THR A 176 -13.97 -36.26 -8.02
N LEU A 177 -13.54 -35.05 -7.63
CA LEU A 177 -13.85 -33.84 -8.43
C LEU A 177 -13.26 -33.96 -9.84
N LEU A 178 -12.00 -34.36 -9.92
CA LEU A 178 -11.26 -34.44 -11.18
C LEU A 178 -11.90 -35.42 -12.16
N LYS A 179 -12.24 -36.62 -11.66
CA LYS A 179 -12.79 -37.69 -12.49
C LYS A 179 -14.05 -37.22 -13.22
N HIS A 180 -15.02 -36.74 -12.44
CA HIS A 180 -16.32 -36.31 -12.98
C HIS A 180 -16.25 -35.03 -13.81
N GLU A 181 -15.38 -34.11 -13.45
CA GLU A 181 -15.16 -32.92 -14.28
C GLU A 181 -14.60 -33.32 -15.65
N ALA A 182 -13.60 -34.20 -15.65
CA ALA A 182 -12.98 -34.64 -16.91
C ALA A 182 -13.98 -35.27 -17.89
N ALA A 183 -14.83 -36.14 -17.36
CA ALA A 183 -15.83 -36.86 -18.14
C ALA A 183 -17.23 -36.18 -18.23
N ARG A 184 -17.36 -35.00 -17.62
CA ARG A 184 -18.60 -34.23 -17.63
C ARG A 184 -19.77 -35.00 -17.01
N THR A 185 -19.51 -35.65 -15.89
CA THR A 185 -20.54 -36.30 -15.09
C THR A 185 -20.68 -35.59 -13.73
N THR A 186 -20.65 -34.25 -13.78
CA THR A 186 -20.76 -33.44 -12.59
C THR A 186 -22.18 -33.41 -12.05
N ASP A 187 -23.16 -33.90 -12.80
CA ASP A 187 -24.51 -34.03 -12.25
C ASP A 187 -24.68 -35.26 -11.33
N THR A 188 -23.69 -36.13 -11.26
CA THR A 188 -23.81 -37.33 -10.42
C THR A 188 -23.83 -37.01 -8.94
N GLU A 189 -24.35 -37.97 -8.17
CA GLU A 189 -24.45 -37.86 -6.72
C GLU A 189 -23.08 -37.72 -6.07
N GLU A 190 -22.16 -38.55 -6.55
CA GLU A 190 -20.81 -38.62 -6.01
C GLU A 190 -20.01 -37.31 -6.24
N TYR A 191 -20.17 -36.68 -7.40
CA TYR A 191 -19.53 -35.37 -7.60
C TYR A 191 -20.11 -34.35 -6.62
N PHE A 192 -21.43 -34.39 -6.46
CA PHE A 192 -22.14 -33.45 -5.62
C PHE A 192 -21.66 -33.46 -4.17
N HIS A 193 -21.39 -34.62 -3.62
CA HIS A 193 -20.90 -34.68 -2.25
C HIS A 193 -19.42 -34.27 -2.12
N ALA A 194 -18.62 -34.48 -3.16
CA ALA A 194 -17.27 -33.91 -3.21
C ALA A 194 -17.32 -32.37 -3.32
N MET A 195 -18.20 -31.86 -4.18
CA MET A 195 -18.46 -30.42 -4.30
C MET A 195 -18.88 -29.82 -2.96
N ARG A 196 -19.60 -30.61 -2.15
CA ARG A 196 -20.07 -30.18 -0.83
C ARG A 196 -18.96 -30.02 0.19
N ALA A 197 -17.95 -30.87 0.11
CA ALA A 197 -16.75 -30.64 0.90
C ALA A 197 -16.14 -29.25 0.62
N PHE A 198 -16.27 -28.74 -0.62
CA PHE A 198 -15.77 -27.38 -0.93
C PHE A 198 -16.77 -26.34 -0.44
N TYR A 199 -18.05 -26.53 -0.74
CA TYR A 199 -19.06 -25.53 -0.41
C TYR A 199 -19.13 -25.34 1.11
N ASP A 200 -19.09 -26.45 1.85
CA ASP A 200 -19.16 -26.40 3.30
C ASP A 200 -18.01 -25.58 3.91
N ARG A 201 -16.90 -25.40 3.18
CA ARG A 201 -15.81 -24.59 3.73
C ARG A 201 -15.86 -23.14 3.26
N HIS A 202 -16.15 -22.96 1.97
CA HIS A 202 -15.92 -21.70 1.29
C HIS A 202 -17.16 -21.03 0.66
N VAL A 203 -18.32 -21.70 0.64
CA VAL A 203 -19.50 -21.09 0.01
C VAL A 203 -20.59 -20.76 1.03
N CYS A 204 -20.96 -21.75 1.84
CA CYS A 204 -21.93 -21.58 2.91
C CYS A 204 -21.63 -22.57 4.02
N ARG A 205 -21.08 -22.06 5.11
CA ARG A 205 -20.72 -22.90 6.25
C ARG A 205 -21.92 -23.34 7.11
N ILE A 206 -23.11 -22.79 6.85
CA ILE A 206 -24.29 -23.24 7.57
C ILE A 206 -24.95 -24.39 6.82
N VAL A 207 -25.05 -25.53 7.51
CA VAL A 207 -25.69 -26.75 7.02
C VAL A 207 -26.56 -27.31 8.17
N PRO A 208 -27.83 -27.69 7.90
CA PRO A 208 -28.56 -27.57 6.64
C PRO A 208 -28.49 -26.15 6.08
N TRP A 209 -28.57 -26.00 4.78
CA TRP A 209 -28.52 -24.67 4.18
C TRP A 209 -29.70 -23.80 4.67
N PRO A 210 -29.45 -22.48 4.89
CA PRO A 210 -30.52 -21.51 5.10
C PRO A 210 -31.54 -21.61 3.95
N ARG A 211 -32.82 -21.46 4.26
CA ARG A 211 -33.87 -21.55 3.23
C ARG A 211 -33.61 -20.59 2.06
N ASP A 212 -33.21 -19.37 2.39
CA ASP A 212 -32.93 -18.38 1.37
C ASP A 212 -31.83 -18.86 0.43
N PHE A 213 -30.80 -19.53 0.97
CA PHE A 213 -29.71 -20.08 0.15
C PHE A 213 -30.25 -21.24 -0.71
N ALA A 214 -30.99 -22.15 -0.09
CA ALA A 214 -31.61 -23.27 -0.81
C ALA A 214 -32.58 -22.77 -1.88
N ALA A 215 -33.37 -21.75 -1.54
CA ALA A 215 -34.31 -21.19 -2.51
C ALA A 215 -33.60 -20.82 -3.81
N THR A 216 -32.51 -20.08 -3.71
CA THR A 216 -31.77 -19.67 -4.91
C THR A 216 -31.15 -20.88 -5.62
N PHE A 217 -30.51 -21.76 -4.86
CA PHE A 217 -29.93 -23.01 -5.37
C PHE A 217 -30.89 -23.80 -6.25
N MET A 218 -32.16 -23.91 -5.83
CA MET A 218 -33.18 -24.64 -6.58
C MET A 218 -33.70 -23.86 -7.79
N GLU A 219 -33.66 -22.53 -7.74
CA GLU A 219 -34.00 -21.73 -8.92
C GLU A 219 -32.98 -21.97 -10.04
N ILE A 220 -31.73 -22.17 -9.65
CA ILE A 220 -30.66 -22.49 -10.62
C ILE A 220 -30.88 -23.88 -11.23
N TYR A 221 -31.18 -24.85 -10.38
CA TYR A 221 -31.51 -26.19 -10.88
C TYR A 221 -32.65 -26.17 -11.90
N ASN A 222 -33.68 -25.39 -11.62
CA ASN A 222 -34.89 -25.45 -12.44
C ASN A 222 -34.75 -24.73 -13.76
N ASP A 223 -33.93 -23.67 -13.82
CA ASP A 223 -33.50 -23.14 -15.12
C ASP A 223 -32.02 -22.76 -15.09
N PRO A 224 -31.15 -23.72 -15.46
CA PRO A 224 -29.72 -23.49 -15.32
C PRO A 224 -29.11 -22.80 -16.55
N THR A 225 -29.94 -22.31 -17.47
CA THR A 225 -29.49 -21.74 -18.74
C THR A 225 -28.35 -20.75 -18.52
N VAL A 226 -28.63 -19.72 -17.71
CA VAL A 226 -27.71 -18.58 -17.56
C VAL A 226 -26.43 -18.97 -16.82
N TYR A 227 -26.59 -19.57 -15.65
CA TYR A 227 -25.48 -20.00 -14.80
C TYR A 227 -24.53 -20.96 -15.51
N THR A 228 -25.09 -21.98 -16.19
CA THR A 228 -24.25 -22.97 -16.88
C THR A 228 -23.61 -22.36 -18.13
N THR A 229 -24.31 -21.45 -18.82
CA THR A 229 -23.74 -20.77 -19.97
C THR A 229 -22.56 -19.88 -19.57
N MET A 230 -22.79 -18.99 -18.61
CA MET A 230 -21.81 -17.95 -18.31
C MET A 230 -20.76 -18.37 -17.29
N ASN A 231 -21.17 -19.17 -16.29
CA ASN A 231 -20.27 -19.59 -15.22
C ASN A 231 -19.75 -21.02 -15.33
N GLY A 232 -20.63 -22.01 -15.27
CA GLY A 232 -20.23 -23.39 -15.18
C GLY A 232 -21.20 -24.12 -14.25
N PRO A 233 -20.98 -25.42 -14.02
CA PRO A 233 -21.91 -26.20 -13.20
C PRO A 233 -21.97 -25.79 -11.74
N ASN A 234 -20.91 -25.14 -11.24
CA ASN A 234 -20.84 -24.77 -9.82
C ASN A 234 -19.86 -23.61 -9.62
N GLU A 235 -19.74 -23.18 -8.38
CA GLU A 235 -18.94 -22.03 -7.99
C GLU A 235 -17.47 -22.05 -8.41
N PHE A 236 -16.83 -23.23 -8.34
CA PHE A 236 -15.40 -23.35 -8.59
C PHE A 236 -15.04 -23.88 -9.99
N HIS A 237 -15.90 -24.71 -10.58
CA HIS A 237 -15.67 -25.28 -11.92
C HIS A 237 -16.20 -24.29 -12.95
N VAL A 238 -15.44 -23.21 -13.13
CA VAL A 238 -15.86 -22.13 -14.02
C VAL A 238 -15.37 -22.43 -15.43
N ILE A 239 -16.26 -22.98 -16.24
CA ILE A 239 -15.95 -23.33 -17.62
C ILE A 239 -16.86 -22.63 -18.63
N GLY A 240 -17.72 -21.73 -18.15
CA GLY A 240 -18.65 -21.00 -18.99
C GLY A 240 -17.93 -19.84 -19.66
N THR A 241 -18.69 -18.98 -20.33
CA THR A 241 -18.15 -17.89 -21.13
C THR A 241 -17.44 -16.79 -20.32
N LEU A 242 -17.64 -16.73 -19.01
CA LEU A 242 -16.90 -15.72 -18.20
C LEU A 242 -15.55 -16.20 -17.69
N ARG A 243 -15.17 -17.41 -18.10
CA ARG A 243 -13.93 -18.05 -17.66
C ARG A 243 -12.67 -17.19 -17.66
N ASP A 244 -12.48 -16.39 -18.70
CA ASP A 244 -11.28 -15.54 -18.81
C ASP A 244 -11.55 -14.09 -18.42
N TRP A 245 -12.74 -13.80 -17.92
CA TRP A 245 -13.16 -12.41 -17.79
C TRP A 245 -12.58 -11.70 -16.55
N SER A 246 -12.13 -10.47 -16.76
CA SER A 246 -11.60 -9.62 -15.70
C SER A 246 -12.19 -8.23 -15.78
N VAL A 247 -12.48 -7.61 -14.63
CA VAL A 247 -12.92 -6.19 -14.60
C VAL A 247 -11.80 -5.21 -14.19
N GLU A 248 -10.58 -5.72 -14.06
CA GLU A 248 -9.46 -4.94 -13.53
C GLU A 248 -9.24 -3.64 -14.33
N ASP A 249 -9.49 -3.68 -15.63
CA ASP A 249 -9.19 -2.52 -16.49
C ASP A 249 -10.13 -1.34 -16.29
N CYS A 250 -11.32 -1.58 -15.77
CA CYS A 250 -12.23 -0.47 -15.50
C CYS A 250 -12.14 0.07 -14.06
N LEU A 251 -11.45 -0.65 -13.17
CA LEU A 251 -11.43 -0.30 -11.74
C LEU A 251 -10.84 1.06 -11.41
N PRO A 252 -9.79 1.51 -12.15
CA PRO A 252 -9.28 2.84 -11.85
C PRO A 252 -10.28 3.96 -12.09
N ASP A 253 -11.33 3.70 -12.88
CA ASP A 253 -12.31 4.73 -13.24
C ASP A 253 -13.45 4.91 -12.22
N ILE A 254 -13.51 4.02 -11.23
CA ILE A 254 -14.56 4.09 -10.20
C ILE A 254 -14.24 5.24 -9.25
N GLN A 255 -15.13 6.23 -9.21
CA GLN A 255 -14.92 7.46 -8.44
C GLN A 255 -15.58 7.44 -7.05
N VAL A 256 -16.55 6.56 -6.88
CA VAL A 256 -17.34 6.58 -5.65
C VAL A 256 -16.61 5.81 -4.57
N PRO A 257 -16.93 6.09 -3.31
CA PRO A 257 -16.34 5.28 -2.27
C PRO A 257 -16.87 3.84 -2.38
N THR A 258 -15.92 2.92 -2.38
CA THR A 258 -16.17 1.52 -2.63
C THR A 258 -15.76 0.71 -1.40
N MET A 259 -16.54 -0.32 -1.08
CA MET A 259 -16.18 -1.22 0.03
C MET A 259 -16.03 -2.66 -0.49
N VAL A 260 -14.89 -3.29 -0.19
CA VAL A 260 -14.68 -4.70 -0.45
C VAL A 260 -14.99 -5.46 0.83
N LEU A 261 -15.92 -6.40 0.75
CA LEU A 261 -16.36 -7.18 1.91
C LEU A 261 -16.32 -8.64 1.50
N ILE A 262 -15.49 -9.41 2.21
CA ILE A 262 -15.39 -10.84 1.98
C ILE A 262 -15.43 -11.54 3.33
N GLY A 263 -15.64 -12.86 3.27
CA GLY A 263 -15.48 -13.71 4.47
C GLY A 263 -14.04 -14.18 4.56
N ARG A 264 -13.55 -14.45 5.77
CA ARG A 264 -12.20 -14.98 5.97
C ARG A 264 -12.03 -16.31 5.21
N HIS A 265 -13.07 -17.13 5.21
CA HIS A 265 -13.08 -18.44 4.56
C HIS A 265 -13.65 -18.43 3.12
N ASP A 266 -13.84 -17.23 2.57
CA ASP A 266 -14.49 -17.03 1.28
C ASP A 266 -13.70 -17.67 0.13
N GLU A 267 -14.41 -18.34 -0.77
CA GLU A 267 -13.85 -18.68 -2.10
C GLU A 267 -13.34 -17.43 -2.83
N ALA A 268 -13.98 -16.29 -2.57
CA ALA A 268 -13.47 -14.99 -3.01
C ALA A 268 -12.35 -14.59 -2.07
N THR A 269 -11.16 -15.12 -2.34
CA THR A 269 -10.04 -15.03 -1.40
C THR A 269 -9.43 -13.64 -1.43
N PRO A 270 -8.61 -13.32 -0.41
CA PRO A 270 -7.87 -12.06 -0.41
C PRO A 270 -7.15 -11.79 -1.73
N ALA A 271 -6.58 -12.83 -2.33
CA ALA A 271 -5.95 -12.71 -3.65
C ALA A 271 -6.90 -12.30 -4.78
N THR A 272 -8.14 -12.78 -4.74
CA THR A 272 -9.10 -12.48 -5.82
C THR A 272 -9.58 -11.04 -5.78
N VAL A 273 -9.61 -10.46 -4.57
CA VAL A 273 -10.07 -9.08 -4.40
C VAL A 273 -8.94 -8.05 -4.37
N LYS A 274 -7.68 -8.49 -4.41
CA LYS A 274 -6.55 -7.58 -4.31
C LYS A 274 -6.53 -6.47 -5.38
N PRO A 275 -6.89 -6.80 -6.63
CA PRO A 275 -6.97 -5.72 -7.61
C PRO A 275 -7.94 -4.58 -7.22
N PHE A 276 -9.05 -4.87 -6.50
CA PHE A 276 -9.94 -3.79 -6.05
C PHE A 276 -9.17 -2.87 -5.10
N LEU A 277 -8.42 -3.48 -4.18
CA LEU A 277 -7.65 -2.72 -3.20
C LEU A 277 -6.52 -1.90 -3.81
N ASP A 278 -5.94 -2.36 -4.91
CA ASP A 278 -4.80 -1.66 -5.56
C ASP A 278 -5.21 -0.65 -6.64
N LEU A 279 -6.41 -0.81 -7.19
CA LEU A 279 -6.79 -0.02 -8.36
C LEU A 279 -7.92 0.97 -8.14
N VAL A 280 -8.85 0.66 -7.24
CA VAL A 280 -9.97 1.56 -6.95
C VAL A 280 -9.47 2.67 -6.02
N PRO A 281 -9.51 3.94 -6.48
CA PRO A 281 -8.97 5.06 -5.68
C PRO A 281 -9.49 5.17 -4.24
N ASP A 282 -10.80 5.09 -4.06
CA ASP A 282 -11.41 5.25 -2.74
C ASP A 282 -12.03 3.93 -2.32
N VAL A 283 -11.29 3.13 -1.53
CA VAL A 283 -11.72 1.77 -1.24
C VAL A 283 -11.37 1.31 0.15
N ARG A 284 -12.32 0.62 0.78
CA ARG A 284 -12.14 0.12 2.13
C ARG A 284 -12.38 -1.39 2.16
N TYR A 285 -11.74 -2.06 3.12
CA TYR A 285 -11.62 -3.51 3.18
C TYR A 285 -12.17 -4.08 4.48
N GLU A 286 -13.09 -5.03 4.37
CA GLU A 286 -13.69 -5.66 5.55
C GLU A 286 -13.69 -7.17 5.37
N VAL A 287 -13.22 -7.88 6.39
CA VAL A 287 -13.23 -9.35 6.40
C VAL A 287 -14.06 -9.83 7.57
N LEU A 288 -15.07 -10.64 7.29
CA LEU A 288 -15.89 -11.20 8.34
C LEU A 288 -15.31 -12.57 8.69
N GLU A 289 -14.77 -12.62 9.90
CA GLU A 289 -13.85 -13.69 10.31
C GLU A 289 -14.50 -15.06 10.47
N ASN A 290 -15.82 -15.11 10.61
CA ASN A 290 -16.52 -16.39 10.71
C ASN A 290 -17.47 -16.62 9.54
N SER A 291 -17.14 -16.02 8.40
CA SER A 291 -17.96 -16.12 7.19
C SER A 291 -17.12 -16.69 6.04
N SER A 292 -17.80 -17.25 5.07
CA SER A 292 -17.22 -17.55 3.76
C SER A 292 -17.90 -16.66 2.72
N HIS A 293 -18.71 -17.24 1.86
CA HIS A 293 -19.24 -16.54 0.71
C HIS A 293 -20.55 -15.81 0.96
N VAL A 294 -21.23 -16.15 2.07
CA VAL A 294 -22.51 -15.54 2.38
C VAL A 294 -22.57 -14.97 3.81
N PRO A 295 -21.72 -13.97 4.11
CA PRO A 295 -21.63 -13.36 5.45
C PRO A 295 -22.95 -12.75 5.98
N HIS A 296 -23.81 -12.32 5.07
CA HIS A 296 -25.11 -11.82 5.45
C HIS A 296 -26.00 -12.91 6.10
N LEU A 297 -25.63 -14.19 5.94
CA LEU A 297 -26.32 -15.34 6.53
C LEU A 297 -25.48 -15.91 7.66
N GLU A 298 -24.19 -16.00 7.42
CA GLU A 298 -23.25 -16.61 8.34
C GLU A 298 -22.98 -15.76 9.56
N GLU A 299 -22.87 -14.45 9.37
CA GLU A 299 -22.73 -13.52 10.49
C GLU A 299 -23.75 -12.41 10.32
N PRO A 300 -25.04 -12.74 10.54
CA PRO A 300 -26.12 -11.82 10.16
C PRO A 300 -25.98 -10.43 10.77
N GLU A 301 -25.63 -10.39 12.05
CA GLU A 301 -25.56 -9.12 12.78
C GLU A 301 -24.32 -8.33 12.42
N ARG A 302 -23.16 -8.98 12.35
CA ARG A 302 -21.91 -8.30 12.02
C ARG A 302 -21.92 -7.73 10.59
N PHE A 303 -22.49 -8.48 9.65
CA PHE A 303 -22.67 -8.00 8.30
C PHE A 303 -23.54 -6.74 8.26
N HIS A 304 -24.67 -6.80 8.96
CA HIS A 304 -25.56 -5.66 9.11
C HIS A 304 -24.84 -4.43 9.66
N GLU A 305 -24.13 -4.59 10.79
CA GLU A 305 -23.35 -3.51 11.38
C GLU A 305 -22.34 -2.91 10.38
N VAL A 306 -21.66 -3.77 9.64
CA VAL A 306 -20.63 -3.31 8.71
C VAL A 306 -21.27 -2.50 7.59
N MET A 307 -22.35 -3.02 7.03
CA MET A 307 -23.10 -2.34 5.99
C MET A 307 -23.63 -0.99 6.45
N ILE A 308 -24.31 -0.97 7.60
CA ILE A 308 -24.87 0.29 8.09
C ILE A 308 -23.79 1.36 8.31
N ASP A 309 -22.65 0.93 8.89
CA ASP A 309 -21.50 1.82 9.10
C ASP A 309 -21.00 2.44 7.79
N TYR A 310 -20.85 1.60 6.76
CA TYR A 310 -20.46 2.09 5.43
C TYR A 310 -21.56 3.00 4.86
N LEU A 311 -22.80 2.53 4.89
CA LEU A 311 -23.91 3.29 4.29
C LEU A 311 -24.09 4.69 4.91
N GLU A 312 -23.91 4.80 6.23
CA GLU A 312 -24.05 6.09 6.92
C GLU A 312 -22.99 7.11 6.50
N SER A 313 -21.80 6.65 6.11
CA SER A 313 -20.76 7.57 5.62
C SER A 313 -21.17 8.27 4.32
N LEU A 314 -22.20 7.76 3.65
CA LEU A 314 -22.67 8.31 2.37
C LEU A 314 -23.84 9.29 2.48
N VAL A 315 -24.32 9.57 3.69
CA VAL A 315 -25.49 10.46 3.89
C VAL A 315 -25.24 11.47 5.02
N PRO B 20 3.01 21.09 27.13
CA PRO B 20 3.76 22.04 27.97
C PRO B 20 5.15 22.37 27.39
N PRO B 21 5.32 23.60 26.86
CA PRO B 21 6.52 23.93 26.06
C PRO B 21 7.81 24.07 26.88
N SER B 22 8.94 23.82 26.24
CA SER B 22 10.25 24.06 26.86
C SER B 22 10.83 25.38 26.37
N ALA B 23 10.25 25.92 25.30
CA ALA B 23 10.67 27.22 24.76
C ALA B 23 9.59 27.81 23.87
N LYS B 24 9.41 29.12 24.00
CA LYS B 24 8.40 29.86 23.25
C LYS B 24 8.95 31.25 22.96
N GLY B 25 8.60 31.83 21.82
CA GLY B 25 9.01 33.20 21.48
C GLY B 25 8.73 33.59 20.02
N THR B 26 9.42 34.62 19.55
CA THR B 26 9.36 35.01 18.15
C THR B 26 10.77 35.12 17.58
N VAL B 27 10.86 35.00 16.25
CA VAL B 27 12.09 35.31 15.53
C VAL B 27 11.77 36.36 14.47
N PRO B 28 12.73 37.25 14.20
CA PRO B 28 12.46 38.25 13.19
C PRO B 28 12.36 37.62 11.81
N PHE B 29 11.39 38.08 11.03
CA PHE B 29 11.25 37.67 9.65
C PHE B 29 11.07 38.95 8.83
N GLY B 30 12.18 39.43 8.28
CA GLY B 30 12.21 40.74 7.63
C GLY B 30 11.81 41.81 8.63
N GLN B 31 10.75 42.55 8.33
CA GLN B 31 10.23 43.59 9.23
C GLN B 31 9.26 43.02 10.25
N TYR B 32 8.92 41.74 10.13
CA TYR B 32 7.84 41.14 10.90
C TYR B 32 8.36 40.09 11.87
N ARG B 33 7.45 39.40 12.55
CA ARG B 33 7.82 38.35 13.50
C ARG B 33 7.00 37.06 13.34
N THR B 34 7.70 35.91 13.47
CA THR B 34 7.09 34.58 13.46
C THR B 34 7.13 33.99 14.86
N TRP B 35 5.96 33.67 15.41
CA TRP B 35 5.85 33.03 16.70
C TRP B 35 6.06 31.53 16.60
N TYR B 36 6.88 30.98 17.50
CA TYR B 36 7.11 29.53 17.55
C TYR B 36 7.10 29.03 18.99
N ARG B 37 7.17 27.71 19.10
CA ARG B 37 7.16 27.03 20.35
C ARG B 37 7.82 25.67 20.17
N VAL B 38 8.69 25.30 21.12
CA VAL B 38 9.41 24.05 21.07
C VAL B 38 9.03 23.20 22.28
N THR B 39 8.70 21.94 22.01
CA THR B 39 8.45 20.96 23.06
C THR B 39 9.50 19.86 22.87
N GLY B 40 10.22 19.58 23.95
CA GLY B 40 11.34 18.65 23.94
C GLY B 40 12.65 19.39 23.88
N ASP B 41 13.69 18.69 23.45
CA ASP B 41 15.04 19.23 23.36
C ASP B 41 15.44 19.14 21.90
N LEU B 42 15.72 20.30 21.28
CA LEU B 42 15.97 20.37 19.83
C LEU B 42 17.10 19.48 19.33
N HIS B 43 18.14 19.31 20.14
CA HIS B 43 19.33 18.58 19.70
C HIS B 43 19.60 17.38 20.59
N SER B 44 18.52 16.69 20.96
CA SER B 44 18.60 15.47 21.77
C SER B 44 18.88 14.22 20.93
N GLY B 45 19.08 14.38 19.62
CA GLY B 45 19.41 13.25 18.74
C GLY B 45 18.42 13.15 17.60
N LYS B 46 17.16 12.88 17.93
CA LYS B 46 16.15 12.72 16.89
C LYS B 46 15.85 14.08 16.24
N PRO B 47 15.71 14.11 14.92
CA PRO B 47 15.45 15.37 14.23
C PRO B 47 14.13 16.02 14.68
N PRO B 48 14.13 17.35 14.84
CA PRO B 48 12.93 18.12 15.13
C PRO B 48 11.83 17.92 14.08
N VAL B 49 10.61 17.71 14.57
CA VAL B 49 9.46 17.61 13.72
C VAL B 49 8.80 18.99 13.72
N VAL B 50 8.89 19.65 12.57
CA VAL B 50 8.35 20.99 12.37
C VAL B 50 6.95 20.91 11.75
N LEU B 51 5.98 21.47 12.46
CA LEU B 51 4.56 21.36 12.13
C LEU B 51 4.11 22.55 11.33
N LEU B 52 3.67 22.31 10.09
CA LEU B 52 3.09 23.35 9.25
C LEU B 52 1.55 23.28 9.32
N HIS B 53 0.95 24.25 10.01
CA HIS B 53 -0.52 24.30 10.13
C HIS B 53 -1.23 24.64 8.81
N GLY B 54 -2.55 24.45 8.79
CA GLY B 54 -3.34 24.60 7.57
C GLY B 54 -3.85 26.00 7.29
N GLY B 55 -4.96 26.04 6.56
CA GLY B 55 -5.61 27.27 6.13
C GLY B 55 -5.42 27.51 4.64
N PRO B 56 -4.46 28.38 4.25
CA PRO B 56 -3.59 29.18 5.09
C PRO B 56 -4.35 30.11 6.03
N GLY B 57 -3.65 30.67 6.99
CA GLY B 57 -4.23 31.67 7.89
C GLY B 57 -4.89 31.03 9.10
N SER B 58 -4.59 29.77 9.32
CA SER B 58 -5.04 29.09 10.56
C SER B 58 -3.93 29.35 11.61
N THR B 59 -3.90 28.57 12.69
CA THR B 59 -2.86 28.67 13.72
C THR B 59 -2.46 27.26 14.21
N HIS B 60 -1.47 27.20 15.09
CA HIS B 60 -0.88 25.93 15.53
C HIS B 60 -1.73 25.22 16.59
N ASP B 61 -2.66 25.96 17.20
CA ASP B 61 -3.32 25.48 18.40
C ASP B 61 -3.97 24.12 18.19
N TYR B 62 -4.71 23.94 17.10
CA TYR B 62 -5.39 22.67 16.85
C TYR B 62 -4.43 21.48 16.73
N LEU B 63 -3.14 21.72 16.55
CA LEU B 63 -2.15 20.66 16.50
C LEU B 63 -1.44 20.39 17.84
N LEU B 64 -1.87 21.04 18.91
CA LEU B 64 -1.15 20.89 20.18
C LEU B 64 -1.06 19.43 20.68
N ALA B 65 -2.04 18.60 20.33
CA ALA B 65 -2.00 17.18 20.66
C ALA B 65 -0.70 16.49 20.25
N MET B 66 -0.05 17.00 19.21
CA MET B 66 1.17 16.39 18.68
C MET B 66 2.42 16.53 19.55
N THR B 67 2.33 17.31 20.63
CA THR B 67 3.39 17.28 21.66
C THR B 67 3.55 15.90 22.30
N SER B 68 2.59 15.00 22.09
CA SER B 68 2.74 13.60 22.52
C SER B 68 3.98 12.92 21.89
N LEU B 69 4.36 13.33 20.69
CA LEU B 69 5.51 12.71 20.00
C LEU B 69 6.82 12.85 20.77
N THR B 70 6.87 13.82 21.66
CA THR B 70 8.05 14.06 22.47
C THR B 70 8.30 12.95 23.47
N GLU B 71 7.23 12.26 23.89
CA GLU B 71 7.33 11.07 24.73
C GLU B 71 8.24 9.99 24.14
N ALA B 72 8.36 9.95 22.83
CA ALA B 72 9.26 9.01 22.13
C ALA B 72 10.60 9.66 21.71
N GLY B 73 10.92 10.82 22.30
CA GLY B 73 12.21 11.48 22.04
C GLY B 73 12.23 12.40 20.85
N TRP B 74 11.06 12.65 20.27
CA TRP B 74 10.94 13.52 19.10
C TRP B 74 10.63 14.96 19.51
N PRO B 75 11.58 15.88 19.27
CA PRO B 75 11.30 17.29 19.53
C PRO B 75 10.23 17.76 18.56
N VAL B 76 9.33 18.61 19.04
CA VAL B 76 8.23 19.11 18.19
C VAL B 76 8.23 20.63 18.13
N VAL B 77 8.22 21.18 16.92
CA VAL B 77 8.16 22.62 16.74
C VAL B 77 6.80 23.02 16.18
N HIS B 78 6.06 23.82 16.95
CA HIS B 78 4.86 24.50 16.46
C HIS B 78 5.22 25.93 16.11
N TYR B 79 4.56 26.48 15.09
CA TYR B 79 4.64 27.92 14.83
C TYR B 79 3.42 28.45 14.10
N ASP B 80 3.15 29.74 14.30
CA ASP B 80 2.09 30.42 13.60
C ASP B 80 2.70 31.13 12.43
N GLN B 81 2.13 30.88 11.26
CA GLN B 81 2.57 31.50 10.04
C GLN B 81 2.22 32.99 10.05
N LEU B 82 2.94 33.77 9.27
CA LEU B 82 2.74 35.21 9.22
C LEU B 82 1.29 35.56 8.92
N GLY B 83 0.74 36.51 9.69
CA GLY B 83 -0.63 36.99 9.47
C GLY B 83 -1.69 36.54 10.47
N ASN B 84 -1.39 35.54 11.28
CA ASN B 84 -2.36 35.16 12.32
C ASN B 84 -1.64 34.62 13.55
N GLY B 85 -2.39 34.41 14.62
CA GLY B 85 -1.82 33.88 15.85
C GLY B 85 -0.84 34.82 16.53
N GLY B 86 0.22 34.28 17.12
CA GLY B 86 1.25 35.07 17.80
C GLY B 86 2.19 35.80 16.85
N SER B 87 2.07 35.55 15.56
CA SER B 87 2.92 36.23 14.58
C SER B 87 2.34 37.58 14.28
N THR B 88 3.07 38.39 13.53
CA THR B 88 2.58 39.71 13.14
C THR B 88 1.27 39.59 12.35
N HIS B 89 0.28 40.38 12.75
CA HIS B 89 -0.95 40.53 11.98
C HIS B 89 -0.75 41.67 10.97
N LEU B 90 -1.24 41.46 9.75
CA LEU B 90 -1.10 42.44 8.69
C LEU B 90 -2.41 42.56 7.90
N PRO B 91 -3.51 42.95 8.58
CA PRO B 91 -4.84 43.01 7.97
C PRO B 91 -4.97 43.95 6.78
N GLU B 92 -4.08 44.93 6.65
CA GLU B 92 -4.14 45.87 5.56
C GLU B 92 -3.51 45.31 4.28
N LYS B 93 -2.81 44.18 4.39
CA LYS B 93 -2.19 43.54 3.23
C LYS B 93 -3.20 42.75 2.41
N GLY B 94 -3.12 42.95 1.10
CA GLY B 94 -4.07 42.40 0.14
C GLY B 94 -3.54 41.18 -0.60
N GLU B 95 -4.33 40.71 -1.56
CA GLU B 95 -4.07 39.44 -2.21
C GLU B 95 -2.71 39.32 -2.89
N ASP B 96 -2.12 40.43 -3.30
CA ASP B 96 -0.81 40.41 -3.95
C ASP B 96 0.31 40.10 -2.95
N PHE B 97 0.10 40.40 -1.67
CA PHE B 97 1.06 40.12 -0.61
C PHE B 97 1.04 38.67 -0.13
N TRP B 98 -0.15 38.10 0.01
CA TRP B 98 -0.26 36.73 0.59
C TRP B 98 0.01 35.66 -0.49
N THR B 99 1.26 35.23 -0.57
CA THR B 99 1.69 34.31 -1.60
C THR B 99 2.32 33.09 -0.97
N VAL B 100 2.34 32.00 -1.73
CA VAL B 100 3.07 30.79 -1.36
C VAL B 100 4.55 31.07 -1.10
N GLN B 101 5.18 31.86 -1.96
CA GLN B 101 6.59 32.23 -1.77
C GLN B 101 6.83 32.88 -0.38
N LEU B 102 5.92 33.76 0.03
CA LEU B 102 6.05 34.43 1.32
C LEU B 102 6.23 33.37 2.40
N PHE B 103 5.35 32.39 2.41
CA PHE B 103 5.36 31.37 3.47
C PHE B 103 6.52 30.38 3.33
N GLU B 104 6.95 30.10 2.09
CA GLU B 104 8.20 29.37 1.85
C GLU B 104 9.38 30.06 2.52
N ASP B 105 9.50 31.37 2.30
CA ASP B 105 10.56 32.19 2.88
C ASP B 105 10.47 32.23 4.41
N GLU B 106 9.25 32.33 4.94
CA GLU B 106 9.06 32.32 6.38
C GLU B 106 9.57 31.02 6.98
N LEU B 107 9.17 29.89 6.37
CA LEU B 107 9.60 28.58 6.85
C LEU B 107 11.13 28.47 6.83
N ASP B 108 11.77 28.82 5.72
CA ASP B 108 13.24 28.82 5.62
C ASP B 108 13.90 29.66 6.71
N ASN B 109 13.39 30.88 6.88
CA ASN B 109 13.82 31.79 7.97
C ASN B 109 13.73 31.15 9.35
N LEU B 110 12.58 30.54 9.65
CA LEU B 110 12.38 29.92 10.95
C LEU B 110 13.40 28.81 11.20
N LEU B 111 13.61 27.95 10.20
CA LEU B 111 14.53 26.84 10.33
C LEU B 111 15.93 27.33 10.64
N ASN B 112 16.35 28.36 9.92
CA ASN B 112 17.64 29.00 10.13
C ASN B 112 17.74 29.70 11.49
N GLN B 113 16.74 30.48 11.86
CA GLN B 113 16.78 31.23 13.13
C GLN B 113 16.84 30.28 14.32
N LEU B 114 16.14 29.14 14.23
CA LEU B 114 16.12 28.17 15.33
C LEU B 114 17.34 27.24 15.29
N GLY B 115 18.18 27.37 14.27
CA GLY B 115 19.34 26.52 14.09
C GLY B 115 19.05 25.05 13.83
N ILE B 116 17.96 24.74 13.12
CA ILE B 116 17.59 23.34 12.88
C ILE B 116 17.54 22.98 11.40
N ALA B 117 18.06 23.86 10.56
CA ALA B 117 18.02 23.70 9.10
C ALA B 117 18.90 22.58 8.61
N GLY B 118 19.83 22.15 9.46
CA GLY B 118 20.72 21.05 9.15
C GLY B 118 20.08 19.68 9.29
N ASP B 119 18.96 19.59 10.01
CA ASP B 119 18.33 18.29 10.29
C ASP B 119 16.91 18.49 10.85
N TYR B 120 15.89 18.15 10.08
CA TYR B 120 14.48 18.35 10.50
C TYR B 120 13.53 17.52 9.65
N VAL B 121 12.36 17.22 10.22
CA VAL B 121 11.27 16.54 9.54
C VAL B 121 10.13 17.54 9.43
N LEU B 122 9.47 17.58 8.27
CA LEU B 122 8.25 18.38 8.09
C LEU B 122 6.96 17.57 8.19
N PHE B 123 6.03 18.04 9.03
CA PHE B 123 4.66 17.52 9.06
C PHE B 123 3.75 18.65 8.61
N GLY B 124 3.17 18.53 7.43
CA GLY B 124 2.26 19.53 6.91
C GLY B 124 0.82 19.05 6.96
N GLN B 125 -0.03 19.81 7.63
CA GLN B 125 -1.43 19.48 7.74
C GLN B 125 -2.24 20.44 6.90
N SER B 126 -3.12 19.87 6.09
CA SER B 126 -3.97 20.63 5.19
C SER B 126 -3.07 21.49 4.24
N TRP B 127 -3.30 22.79 4.15
CA TRP B 127 -2.41 23.67 3.37
C TRP B 127 -0.92 23.47 3.73
N GLY B 128 -0.62 23.19 4.98
CA GLY B 128 0.76 22.89 5.39
C GLY B 128 1.44 21.80 4.60
N GLY B 129 0.64 20.82 4.15
CA GLY B 129 1.16 19.70 3.37
C GLY B 129 1.57 20.11 1.97
N MET B 130 0.78 20.98 1.37
CA MET B 130 1.09 21.56 0.06
C MET B 130 2.32 22.44 0.17
N LEU B 131 2.37 23.32 1.18
CA LEU B 131 3.56 24.15 1.45
C LEU B 131 4.79 23.25 1.69
N GLY B 132 4.60 22.22 2.52
CA GLY B 132 5.63 21.25 2.79
C GLY B 132 6.12 20.50 1.55
N SER B 133 5.20 20.21 0.63
CA SER B 133 5.55 19.52 -0.62
C SER B 133 6.42 20.41 -1.51
N VAL B 134 6.06 21.68 -1.63
CA VAL B 134 6.84 22.64 -2.41
C VAL B 134 8.24 22.79 -1.83
N HIS B 135 8.33 22.93 -0.50
CA HIS B 135 9.61 23.02 0.19
C HIS B 135 10.46 21.77 -0.05
N ALA B 136 9.87 20.60 0.17
CA ALA B 136 10.56 19.33 -0.01
C ALA B 136 11.08 19.13 -1.42
N ALA B 137 10.36 19.65 -2.40
CA ALA B 137 10.71 19.44 -3.80
C ALA B 137 11.96 20.22 -4.23
N ARG B 138 12.36 21.22 -3.43
CA ARG B 138 13.64 21.92 -3.66
C ARG B 138 14.82 21.05 -3.21
N ARG B 139 14.53 19.92 -2.57
CA ARG B 139 15.54 19.00 -2.07
C ARG B 139 16.58 19.68 -1.19
N PRO B 140 16.13 20.32 -0.10
CA PRO B 140 17.12 20.92 0.78
C PRO B 140 17.80 19.83 1.60
N ALA B 141 19.07 20.07 1.95
CA ALA B 141 19.91 18.99 2.48
C ALA B 141 19.55 18.53 3.88
N GLY B 142 18.98 19.41 4.69
CA GLY B 142 18.68 19.08 6.06
C GLY B 142 17.39 18.29 6.25
N LEU B 143 16.54 18.27 5.24
CA LEU B 143 15.22 17.64 5.34
C LEU B 143 15.30 16.11 5.42
N ARG B 144 14.72 15.52 6.45
CA ARG B 144 14.78 14.08 6.67
C ARG B 144 13.53 13.32 6.24
N GLY B 145 12.40 14.02 6.14
CA GLY B 145 11.14 13.37 5.83
C GLY B 145 10.00 14.37 5.78
N LEU B 146 8.91 13.95 5.16
CA LEU B 146 7.75 14.79 4.95
C LEU B 146 6.49 13.97 5.18
N VAL B 147 5.61 14.49 6.04
CA VAL B 147 4.24 13.98 6.16
C VAL B 147 3.29 15.02 5.57
N VAL B 148 2.49 14.59 4.62
CA VAL B 148 1.39 15.39 4.09
C VAL B 148 0.11 14.81 4.68
N ALA B 149 -0.36 15.48 5.73
CA ALA B 149 -1.51 15.00 6.49
C ALA B 149 -2.77 15.78 6.13
N ASN B 150 -3.81 15.08 5.69
CA ASN B 150 -5.11 15.68 5.42
C ASN B 150 -4.92 16.84 4.42
N ALA B 151 -4.08 16.61 3.41
CA ALA B 151 -3.65 17.65 2.51
C ALA B 151 -3.84 17.17 1.09
N PRO B 152 -4.59 17.93 0.27
CA PRO B 152 -4.77 17.56 -1.14
C PRO B 152 -3.53 17.91 -1.97
N ALA B 153 -3.34 17.25 -3.12
CA ALA B 153 -2.26 17.60 -4.07
C ALA B 153 -2.68 18.75 -4.99
N SER B 154 -3.99 18.95 -5.11
CA SER B 154 -4.58 19.93 -6.01
C SER B 154 -5.86 20.51 -5.45
N MET B 155 -5.99 21.84 -5.50
CA MET B 155 -7.25 22.49 -5.12
C MET B 155 -8.33 22.35 -6.21
N LYS B 156 -7.93 22.04 -7.44
CA LYS B 156 -8.92 21.69 -8.47
C LYS B 156 -9.62 20.38 -8.14
N ILE B 157 -8.85 19.35 -7.82
CA ILE B 157 -9.42 18.06 -7.38
C ILE B 157 -10.22 18.29 -6.09
N TRP B 158 -9.66 19.06 -5.16
CA TRP B 158 -10.38 19.43 -3.93
C TRP B 158 -11.80 19.84 -4.24
N LEU B 159 -11.95 20.82 -5.12
CA LEU B 159 -13.26 21.39 -5.39
C LEU B 159 -14.19 20.47 -6.13
N GLN B 160 -13.65 19.61 -7.00
CA GLN B 160 -14.45 18.58 -7.66
C GLN B 160 -14.99 17.63 -6.60
N GLU B 161 -14.12 17.27 -5.67
CA GLU B 161 -14.53 16.43 -4.56
C GLU B 161 -15.50 17.11 -3.59
N MET B 162 -15.33 18.41 -3.33
CA MET B 162 -16.29 19.16 -2.50
C MET B 162 -17.70 19.07 -3.09
N ALA B 163 -17.81 19.21 -4.41
CA ALA B 163 -19.10 19.02 -5.10
C ALA B 163 -19.70 17.62 -4.80
N ARG B 164 -18.88 16.56 -4.88
CA ARG B 164 -19.37 15.21 -4.59
C ARG B 164 -19.85 15.10 -3.14
N LEU B 165 -19.02 15.55 -2.21
CA LEU B 165 -19.37 15.47 -0.77
C LEU B 165 -20.65 16.25 -0.43
N ARG B 166 -20.75 17.47 -0.92
CA ARG B 166 -21.93 18.29 -0.72
C ARG B 166 -23.18 17.65 -1.30
N ALA B 167 -23.05 16.95 -2.44
CA ALA B 167 -24.20 16.29 -3.07
C ALA B 167 -24.70 15.11 -2.25
N LEU B 168 -23.88 14.60 -1.33
CA LEU B 168 -24.33 13.57 -0.34
C LEU B 168 -25.09 14.13 0.85
N LEU B 169 -25.04 15.45 1.07
CA LEU B 169 -25.67 16.05 2.26
C LEU B 169 -27.20 16.04 2.16
N PRO B 170 -27.90 16.26 3.28
CA PRO B 170 -29.34 16.34 3.11
C PRO B 170 -29.72 17.48 2.15
N PRO B 171 -30.78 17.29 1.36
CA PRO B 171 -31.20 18.31 0.38
C PRO B 171 -31.37 19.71 0.97
N ASP B 172 -31.96 19.80 2.17
CA ASP B 172 -32.18 21.10 2.81
C ASP B 172 -30.84 21.79 3.10
N VAL B 173 -29.85 21.02 3.53
CA VAL B 173 -28.53 21.55 3.77
C VAL B 173 -27.88 22.05 2.46
N GLN B 174 -27.97 21.27 1.40
CA GLN B 174 -27.42 21.68 0.09
C GLN B 174 -28.03 23.00 -0.37
N GLU B 175 -29.37 23.12 -0.29
CA GLU B 175 -30.07 24.34 -0.72
C GLU B 175 -29.68 25.57 0.09
N THR B 176 -29.54 25.36 1.41
CA THR B 176 -29.08 26.41 2.31
C THR B 176 -27.65 26.89 2.04
N LEU B 177 -26.71 25.97 1.78
CA LEU B 177 -25.36 26.36 1.37
C LEU B 177 -25.39 27.23 0.08
N LEU B 178 -26.10 26.73 -0.93
CA LEU B 178 -26.23 27.41 -2.19
C LEU B 178 -26.83 28.82 -2.06
N LYS B 179 -27.90 28.89 -1.27
CA LYS B 179 -28.60 30.14 -0.99
C LYS B 179 -27.65 31.25 -0.55
N HIS B 180 -26.90 30.99 0.49
CA HIS B 180 -26.02 31.98 1.11
C HIS B 180 -24.74 32.20 0.32
N GLU B 181 -24.29 31.15 -0.37
CA GLU B 181 -23.16 31.32 -1.30
C GLU B 181 -23.52 32.26 -2.46
N ALA B 182 -24.68 32.03 -3.09
CA ALA B 182 -25.18 32.88 -4.16
C ALA B 182 -25.45 34.30 -3.70
N ALA B 183 -26.05 34.46 -2.51
CA ALA B 183 -26.37 35.80 -1.99
C ALA B 183 -25.20 36.51 -1.28
N ARG B 184 -24.05 35.84 -1.18
CA ARG B 184 -22.91 36.36 -0.44
C ARG B 184 -23.30 36.74 0.96
N THR B 185 -24.04 35.85 1.61
CA THR B 185 -24.41 36.04 3.01
C THR B 185 -23.90 34.85 3.80
N THR B 186 -22.65 34.48 3.54
CA THR B 186 -22.04 33.34 4.21
C THR B 186 -21.66 33.64 5.66
N ASP B 187 -21.75 34.91 6.07
CA ASP B 187 -21.54 35.29 7.47
C ASP B 187 -22.76 35.00 8.37
N THR B 188 -23.90 34.64 7.79
CA THR B 188 -25.11 34.36 8.58
C THR B 188 -24.97 33.11 9.43
N GLU B 189 -25.75 33.06 10.49
CA GLU B 189 -25.78 31.90 11.36
C GLU B 189 -26.45 30.71 10.68
N GLU B 190 -27.44 30.97 9.83
CA GLU B 190 -28.09 29.91 9.05
C GLU B 190 -27.10 29.19 8.11
N TYR B 191 -26.30 29.95 7.36
CA TYR B 191 -25.22 29.30 6.59
C TYR B 191 -24.26 28.51 7.49
N PHE B 192 -23.86 29.10 8.61
CA PHE B 192 -22.92 28.46 9.52
C PHE B 192 -23.40 27.10 9.97
N HIS B 193 -24.69 26.96 10.17
CA HIS B 193 -25.21 25.68 10.64
C HIS B 193 -25.31 24.65 9.51
N ALA B 194 -25.54 25.11 8.29
CA ALA B 194 -25.44 24.21 7.13
C ALA B 194 -23.98 23.74 6.96
N MET B 195 -23.04 24.66 7.16
CA MET B 195 -21.61 24.37 7.13
C MET B 195 -21.20 23.34 8.17
N ARG B 196 -21.83 23.36 9.35
CA ARG B 196 -21.58 22.35 10.39
C ARG B 196 -21.92 20.94 9.96
N ALA B 197 -23.00 20.77 9.22
CA ALA B 197 -23.34 19.45 8.67
C ALA B 197 -22.17 18.85 7.86
N PHE B 198 -21.47 19.68 7.10
CA PHE B 198 -20.29 19.21 6.39
C PHE B 198 -19.14 18.96 7.37
N TYR B 199 -18.92 19.92 8.27
CA TYR B 199 -17.79 19.80 9.21
C TYR B 199 -17.92 18.58 10.11
N ASP B 200 -19.14 18.30 10.54
CA ASP B 200 -19.39 17.19 11.49
C ASP B 200 -19.10 15.83 10.83
N ARG B 201 -19.12 15.81 9.50
CA ARG B 201 -18.79 14.62 8.75
C ARG B 201 -17.31 14.52 8.41
N HIS B 202 -16.75 15.62 7.90
CA HIS B 202 -15.49 15.63 7.19
C HIS B 202 -14.37 16.54 7.70
N VAL B 203 -14.64 17.37 8.72
CA VAL B 203 -13.59 18.22 9.25
C VAL B 203 -13.24 17.81 10.69
N CYS B 204 -14.22 17.83 11.59
CA CYS B 204 -14.01 17.31 12.93
C CYS B 204 -15.27 16.59 13.44
N ARG B 205 -15.13 15.29 13.67
CA ARG B 205 -16.26 14.44 13.99
C ARG B 205 -16.49 14.40 15.49
N ILE B 206 -15.67 15.11 16.25
CA ILE B 206 -15.88 15.27 17.69
C ILE B 206 -16.69 16.54 17.93
N VAL B 207 -17.90 16.38 18.46
CA VAL B 207 -18.79 17.49 18.79
C VAL B 207 -19.31 17.27 20.22
N PRO B 208 -19.16 18.26 21.12
CA PRO B 208 -18.61 19.58 20.87
C PRO B 208 -17.14 19.53 20.47
N TRP B 209 -16.65 20.59 19.83
CA TRP B 209 -15.30 20.56 19.30
C TRP B 209 -14.24 20.47 20.39
N PRO B 210 -13.18 19.70 20.13
CA PRO B 210 -12.06 19.69 21.05
C PRO B 210 -11.59 21.10 21.29
N ARG B 211 -11.12 21.39 22.51
CA ARG B 211 -10.78 22.74 22.86
C ARG B 211 -9.76 23.34 21.87
N ASP B 212 -8.71 22.59 21.54
CA ASP B 212 -7.63 23.07 20.66
C ASP B 212 -8.14 23.47 19.26
N PHE B 213 -9.12 22.73 18.76
CA PHE B 213 -9.74 22.98 17.47
C PHE B 213 -10.53 24.26 17.52
N ALA B 214 -11.35 24.40 18.57
CA ALA B 214 -12.10 25.65 18.81
C ALA B 214 -11.18 26.85 18.93
N ALA B 215 -10.02 26.66 19.56
CA ALA B 215 -9.08 27.76 19.76
C ALA B 215 -8.56 28.32 18.44
N THR B 216 -8.12 27.43 17.57
CA THR B 216 -7.69 27.82 16.21
C THR B 216 -8.86 28.45 15.44
N PHE B 217 -10.04 27.87 15.57
CA PHE B 217 -11.21 28.38 14.87
C PHE B 217 -11.50 29.85 15.22
N MET B 218 -11.31 30.21 16.50
CA MET B 218 -11.56 31.57 16.94
C MET B 218 -10.44 32.50 16.50
N GLU B 219 -9.20 31.98 16.42
CA GLU B 219 -8.11 32.78 15.88
C GLU B 219 -8.41 33.20 14.44
N ILE B 220 -8.97 32.29 13.65
CA ILE B 220 -9.35 32.62 12.28
C ILE B 220 -10.47 33.67 12.27
N TYR B 221 -11.48 33.48 13.12
CA TYR B 221 -12.50 34.53 13.25
C TYR B 221 -11.93 35.90 13.64
N ASN B 222 -10.99 35.91 14.57
CA ASN B 222 -10.52 37.16 15.12
C ASN B 222 -9.63 37.91 14.13
N ASP B 223 -8.99 37.20 13.22
CA ASP B 223 -8.36 37.87 12.07
C ASP B 223 -8.38 36.92 10.89
N PRO B 224 -9.43 37.02 10.05
CA PRO B 224 -9.62 36.12 8.93
C PRO B 224 -8.87 36.56 7.67
N THR B 225 -8.03 37.58 7.78
CA THR B 225 -7.31 38.13 6.63
C THR B 225 -6.73 37.07 5.70
N VAL B 226 -5.85 36.23 6.24
CA VAL B 226 -5.09 35.32 5.42
C VAL B 226 -6.00 34.21 4.86
N TYR B 227 -6.85 33.66 5.72
CA TYR B 227 -7.67 32.53 5.35
C TYR B 227 -8.72 32.92 4.32
N THR B 228 -9.40 34.04 4.55
CA THR B 228 -10.38 34.55 3.57
C THR B 228 -9.73 34.99 2.27
N THR B 229 -8.50 35.51 2.30
CA THR B 229 -7.84 35.95 1.05
C THR B 229 -7.37 34.75 0.22
N MET B 230 -6.69 33.82 0.87
CA MET B 230 -6.05 32.71 0.17
C MET B 230 -6.97 31.52 -0.07
N ASN B 231 -7.84 31.22 0.89
CA ASN B 231 -8.70 30.05 0.83
C ASN B 231 -10.14 30.37 0.48
N GLY B 232 -10.81 31.12 1.35
CA GLY B 232 -12.23 31.41 1.21
C GLY B 232 -12.86 31.45 2.58
N PRO B 233 -14.19 31.53 2.64
CA PRO B 233 -14.84 31.68 3.96
C PRO B 233 -14.84 30.41 4.79
N ASN B 234 -14.63 29.26 4.15
CA ASN B 234 -14.60 27.98 4.86
C ASN B 234 -13.84 26.91 4.07
N GLU B 235 -13.80 25.69 4.60
CA GLU B 235 -12.98 24.61 4.09
C GLU B 235 -13.35 24.17 2.68
N PHE B 236 -14.64 24.19 2.36
CA PHE B 236 -15.15 23.72 1.07
C PHE B 236 -15.39 24.82 0.06
N HIS B 237 -15.66 26.04 0.51
CA HIS B 237 -15.99 27.12 -0.41
C HIS B 237 -14.74 27.88 -0.74
N VAL B 238 -13.91 27.23 -1.56
CA VAL B 238 -12.58 27.71 -1.87
C VAL B 238 -12.68 28.71 -3.00
N ILE B 239 -12.85 29.97 -2.65
CA ILE B 239 -12.94 31.05 -3.64
C ILE B 239 -11.77 32.02 -3.58
N GLY B 240 -10.77 31.73 -2.75
CA GLY B 240 -9.66 32.65 -2.55
C GLY B 240 -8.60 32.41 -3.58
N THR B 241 -7.41 32.96 -3.35
CA THR B 241 -6.39 33.03 -4.41
C THR B 241 -5.71 31.68 -4.70
N LEU B 242 -5.86 30.68 -3.81
CA LEU B 242 -5.32 29.34 -4.11
C LEU B 242 -6.29 28.42 -4.86
N ARG B 243 -7.39 28.99 -5.36
CA ARG B 243 -8.50 28.22 -5.91
C ARG B 243 -8.07 27.18 -6.97
N ASP B 244 -7.16 27.53 -7.85
CA ASP B 244 -6.76 26.56 -8.88
C ASP B 244 -5.36 26.03 -8.65
N TRP B 245 -4.84 26.21 -7.45
CA TRP B 245 -3.48 25.84 -7.16
C TRP B 245 -3.27 24.31 -7.07
N SER B 246 -2.22 23.83 -7.71
CA SER B 246 -1.80 22.43 -7.65
C SER B 246 -0.29 22.28 -7.40
N VAL B 247 0.08 21.32 -6.55
CA VAL B 247 1.52 21.07 -6.34
C VAL B 247 2.02 19.83 -7.09
N GLU B 248 1.15 19.22 -7.89
CA GLU B 248 1.48 17.98 -8.63
C GLU B 248 2.80 18.08 -9.43
N ASP B 249 3.04 19.24 -10.02
CA ASP B 249 4.23 19.46 -10.85
C ASP B 249 5.53 19.10 -10.11
N CYS B 250 5.58 19.31 -8.80
CA CYS B 250 6.83 19.19 -8.07
C CYS B 250 6.98 17.88 -7.29
N LEU B 251 5.92 17.06 -7.23
CA LEU B 251 5.94 15.85 -6.41
C LEU B 251 7.00 14.83 -6.86
N PRO B 252 7.26 14.72 -8.18
CA PRO B 252 8.29 13.74 -8.59
C PRO B 252 9.69 14.05 -8.06
N ASP B 253 9.94 15.31 -7.69
CA ASP B 253 11.25 15.78 -7.20
C ASP B 253 11.50 15.57 -5.72
N ILE B 254 10.49 15.14 -4.99
CA ILE B 254 10.64 14.90 -3.56
C ILE B 254 11.42 13.60 -3.38
N GLN B 255 12.55 13.68 -2.66
CA GLN B 255 13.46 12.54 -2.49
C GLN B 255 13.31 11.82 -1.16
N VAL B 256 12.92 12.58 -0.14
CA VAL B 256 12.82 12.05 1.21
C VAL B 256 11.64 11.08 1.37
N PRO B 257 11.73 10.15 2.35
CA PRO B 257 10.58 9.30 2.66
C PRO B 257 9.35 10.15 3.01
N THR B 258 8.24 9.91 2.30
CA THR B 258 7.01 10.69 2.43
C THR B 258 5.82 9.81 2.91
N MET B 259 4.99 10.36 3.78
CA MET B 259 3.75 9.67 4.21
C MET B 259 2.52 10.53 4.00
N VAL B 260 1.57 9.98 3.26
CA VAL B 260 0.25 10.54 3.07
C VAL B 260 -0.62 9.96 4.17
N LEU B 261 -1.13 10.84 5.02
CA LEU B 261 -1.98 10.46 6.15
C LEU B 261 -3.32 11.20 6.04
N ILE B 262 -4.41 10.45 5.81
CA ILE B 262 -5.75 11.03 5.82
C ILE B 262 -6.69 10.21 6.72
N GLY B 263 -7.85 10.75 7.04
CA GLY B 263 -8.93 9.98 7.69
C GLY B 263 -9.83 9.41 6.60
N ARG B 264 -10.54 8.33 6.89
CA ARG B 264 -11.45 7.75 5.91
C ARG B 264 -12.53 8.74 5.46
N HIS B 265 -12.97 9.58 6.38
CA HIS B 265 -14.08 10.50 6.17
C HIS B 265 -13.56 11.89 5.83
N ASP B 266 -12.27 11.99 5.53
CA ASP B 266 -11.58 13.28 5.40
C ASP B 266 -12.14 14.04 4.21
N GLU B 267 -12.35 15.33 4.39
CA GLU B 267 -12.54 16.22 3.24
C GLU B 267 -11.37 16.12 2.22
N ALA B 268 -10.16 15.84 2.70
CA ALA B 268 -9.04 15.43 1.84
C ALA B 268 -9.25 13.95 1.52
N THR B 269 -10.07 13.73 0.49
CA THR B 269 -10.50 12.42 0.07
C THR B 269 -9.37 11.67 -0.61
N PRO B 270 -9.50 10.34 -0.72
CA PRO B 270 -8.51 9.55 -1.47
C PRO B 270 -8.15 10.13 -2.84
N ALA B 271 -9.15 10.68 -3.53
CA ALA B 271 -8.96 11.26 -4.86
C ALA B 271 -8.05 12.50 -4.84
N THR B 272 -8.16 13.31 -3.79
CA THR B 272 -7.37 14.52 -3.70
C THR B 272 -5.91 14.20 -3.41
N VAL B 273 -5.65 13.07 -2.77
CA VAL B 273 -4.28 12.71 -2.36
C VAL B 273 -3.66 11.67 -3.26
N LYS B 274 -4.41 11.17 -4.24
CA LYS B 274 -3.89 10.13 -5.13
C LYS B 274 -2.62 10.55 -5.85
N PRO B 275 -2.56 11.81 -6.32
CA PRO B 275 -1.34 12.25 -7.00
C PRO B 275 -0.07 12.09 -6.18
N PHE B 276 -0.14 12.25 -4.86
CA PHE B 276 1.02 11.96 -4.01
C PHE B 276 1.44 10.49 -4.17
N LEU B 277 0.45 9.61 -4.17
CA LEU B 277 0.70 8.18 -4.23
C LEU B 277 1.26 7.79 -5.59
N ASP B 278 0.79 8.44 -6.66
CA ASP B 278 1.28 8.16 -8.00
C ASP B 278 2.61 8.82 -8.33
N LEU B 279 2.93 9.95 -7.72
CA LEU B 279 4.08 10.74 -8.19
C LEU B 279 5.30 10.81 -7.28
N VAL B 280 5.11 10.68 -5.96
CA VAL B 280 6.22 10.75 -5.02
C VAL B 280 6.96 9.40 -5.00
N PRO B 281 8.27 9.40 -5.32
CA PRO B 281 9.06 8.16 -5.39
C PRO B 281 8.96 7.22 -4.17
N ASP B 282 9.17 7.76 -2.97
CA ASP B 282 9.19 6.99 -1.75
C ASP B 282 8.03 7.51 -0.91
N VAL B 283 6.91 6.78 -0.99
CA VAL B 283 5.65 7.23 -0.40
C VAL B 283 4.90 6.10 0.30
N ARG B 284 4.37 6.42 1.48
CA ARG B 284 3.56 5.50 2.25
C ARG B 284 2.16 6.09 2.49
N TYR B 285 1.16 5.23 2.65
CA TYR B 285 -0.24 5.65 2.76
C TYR B 285 -0.88 5.10 4.04
N GLU B 286 -1.43 6.00 4.85
CA GLU B 286 -2.19 5.60 6.04
C GLU B 286 -3.53 6.30 6.02
N VAL B 287 -4.58 5.53 6.29
CA VAL B 287 -5.92 6.03 6.42
C VAL B 287 -6.46 5.64 7.77
N LEU B 288 -6.80 6.63 8.58
CA LEU B 288 -7.29 6.41 9.91
C LEU B 288 -8.81 6.33 9.83
N GLU B 289 -9.33 5.14 10.13
CA GLU B 289 -10.65 4.73 9.62
C GLU B 289 -11.84 5.30 10.39
N ASN B 290 -11.58 5.85 11.58
CA ASN B 290 -12.59 6.58 12.34
C ASN B 290 -12.28 8.07 12.49
N SER B 291 -11.58 8.63 11.52
CA SER B 291 -11.18 10.04 11.53
C SER B 291 -11.63 10.75 10.24
N SER B 292 -11.64 12.07 10.29
CA SER B 292 -11.85 12.86 9.09
C SER B 292 -10.60 13.73 8.85
N HIS B 293 -10.68 15.02 9.16
CA HIS B 293 -9.59 15.96 8.86
C HIS B 293 -8.66 16.14 10.04
N VAL B 294 -9.04 15.72 11.24
CA VAL B 294 -8.17 15.95 12.41
C VAL B 294 -7.90 14.69 13.23
N PRO B 295 -7.29 13.66 12.60
CA PRO B 295 -7.11 12.34 13.24
C PRO B 295 -6.25 12.39 14.49
N HIS B 296 -5.36 13.39 14.59
CA HIS B 296 -4.61 13.62 15.83
C HIS B 296 -5.51 13.91 17.05
N LEU B 297 -6.71 14.44 16.79
CA LEU B 297 -7.76 14.61 17.83
C LEU B 297 -8.79 13.50 17.83
N GLU B 298 -9.15 13.01 16.64
CA GLU B 298 -10.24 12.05 16.49
C GLU B 298 -9.84 10.63 16.87
N GLU B 299 -8.58 10.26 16.62
CA GLU B 299 -8.03 8.98 17.07
C GLU B 299 -6.62 9.22 17.57
N PRO B 300 -6.49 9.80 18.77
CA PRO B 300 -5.19 10.34 19.14
C PRO B 300 -4.12 9.28 19.36
N GLU B 301 -4.51 8.17 19.97
CA GLU B 301 -3.63 7.02 20.17
C GLU B 301 -3.13 6.44 18.85
N ARG B 302 -4.04 6.16 17.92
CA ARG B 302 -3.65 5.51 16.69
C ARG B 302 -2.82 6.45 15.83
N PHE B 303 -3.13 7.74 15.88
CA PHE B 303 -2.39 8.75 15.12
C PHE B 303 -0.96 8.85 15.68
N HIS B 304 -0.84 8.90 17.00
CA HIS B 304 0.48 8.87 17.66
C HIS B 304 1.29 7.65 17.22
N GLU B 305 0.70 6.46 17.31
CA GLU B 305 1.40 5.23 16.90
C GLU B 305 1.86 5.24 15.45
N VAL B 306 0.98 5.71 14.57
CA VAL B 306 1.30 5.76 13.16
C VAL B 306 2.43 6.77 12.92
N MET B 307 2.35 7.93 13.57
CA MET B 307 3.38 8.95 13.46
C MET B 307 4.74 8.44 13.99
N ILE B 308 4.74 7.81 15.16
CA ILE B 308 5.97 7.27 15.74
C ILE B 308 6.57 6.17 14.86
N ASP B 309 5.72 5.30 14.33
CA ASP B 309 6.19 4.30 13.37
C ASP B 309 6.89 4.94 12.16
N TYR B 310 6.26 5.93 11.53
CA TYR B 310 6.88 6.63 10.39
C TYR B 310 8.19 7.31 10.77
N LEU B 311 8.20 8.04 11.89
CA LEU B 311 9.36 8.79 12.31
C LEU B 311 10.56 7.87 12.63
N GLU B 312 10.28 6.80 13.36
CA GLU B 312 11.30 5.80 13.66
C GLU B 312 11.83 5.15 12.36
N SER B 313 11.06 5.15 11.27
CA SER B 313 11.53 4.61 10.00
C SER B 313 12.62 5.45 9.36
N LEU B 314 12.84 6.65 9.90
CA LEU B 314 13.84 7.60 9.37
C LEU B 314 15.19 7.49 10.07
N VAL B 315 15.24 6.76 11.17
CA VAL B 315 16.47 6.68 11.99
C VAL B 315 16.85 5.23 12.27
N PRO C 20 18.97 -28.64 8.39
CA PRO C 20 20.23 -29.30 8.02
C PRO C 20 20.30 -29.57 6.52
N PRO C 21 21.52 -29.65 5.97
CA PRO C 21 21.65 -29.88 4.55
C PRO C 21 21.47 -31.34 4.14
N SER C 22 20.89 -31.56 2.97
CA SER C 22 20.82 -32.89 2.35
C SER C 22 22.15 -33.28 1.71
N ALA C 23 23.02 -32.28 1.50
CA ALA C 23 24.33 -32.52 0.94
C ALA C 23 25.27 -31.37 1.29
N LYS C 24 26.57 -31.65 1.25
CA LYS C 24 27.62 -30.78 1.81
C LYS C 24 28.96 -31.27 1.25
N GLY C 25 29.82 -30.36 0.79
CA GLY C 25 31.19 -30.73 0.39
C GLY C 25 31.82 -29.67 -0.48
N THR C 26 32.79 -30.07 -1.30
CA THR C 26 33.35 -29.14 -2.30
C THR C 26 33.28 -29.73 -3.70
N VAL C 27 33.51 -28.88 -4.69
CA VAL C 27 33.70 -29.32 -6.07
C VAL C 27 34.98 -28.68 -6.61
N PRO C 28 35.61 -29.33 -7.61
CA PRO C 28 36.81 -28.76 -8.20
C PRO C 28 36.51 -27.49 -8.98
N PHE C 29 37.31 -26.46 -8.78
CA PHE C 29 37.28 -25.23 -9.59
C PHE C 29 38.72 -24.95 -10.01
N GLY C 30 39.03 -25.33 -11.25
CA GLY C 30 40.40 -25.31 -11.73
C GLY C 30 41.24 -26.13 -10.77
N GLN C 31 42.29 -25.53 -10.25
CA GLN C 31 43.13 -26.20 -9.24
C GLN C 31 42.70 -25.99 -7.78
N TYR C 32 41.57 -25.31 -7.55
CA TYR C 32 41.07 -25.03 -6.18
C TYR C 32 39.75 -25.77 -5.90
N ARG C 33 39.18 -25.54 -4.71
CA ARG C 33 37.90 -26.15 -4.31
C ARG C 33 36.86 -25.07 -3.90
N THR C 34 35.61 -25.27 -4.33
CA THR C 34 34.48 -24.43 -3.94
C THR C 34 33.57 -25.24 -3.02
N TRP C 35 33.36 -24.75 -1.79
CA TRP C 35 32.49 -25.42 -0.81
C TRP C 35 31.02 -25.02 -0.97
N TYR C 36 30.12 -25.97 -0.83
CA TYR C 36 28.69 -25.73 -1.01
C TYR C 36 27.91 -26.60 -0.04
N ARG C 37 26.66 -26.25 0.14
CA ARG C 37 25.69 -27.11 0.79
C ARG C 37 24.36 -26.94 0.08
N VAL C 38 23.57 -28.02 0.11
CA VAL C 38 22.24 -28.03 -0.44
C VAL C 38 21.28 -28.32 0.68
N THR C 39 20.21 -27.54 0.76
CA THR C 39 19.12 -27.81 1.68
C THR C 39 17.90 -28.12 0.84
N GLY C 40 17.20 -29.20 1.20
CA GLY C 40 16.13 -29.73 0.38
C GLY C 40 16.73 -30.69 -0.61
N ASP C 41 15.96 -31.03 -1.63
CA ASP C 41 16.38 -31.98 -2.66
C ASP C 41 16.62 -31.21 -3.96
N LEU C 42 17.84 -31.31 -4.50
CA LEU C 42 18.23 -30.53 -5.69
C LEU C 42 17.30 -30.64 -6.88
N HIS C 43 16.85 -31.84 -7.21
CA HIS C 43 15.93 -32.03 -8.34
C HIS C 43 14.55 -32.45 -7.90
N SER C 44 14.01 -31.79 -6.86
CA SER C 44 12.65 -32.04 -6.39
C SER C 44 11.59 -31.45 -7.31
N GLY C 45 11.96 -30.47 -8.14
CA GLY C 45 11.07 -29.97 -9.18
C GLY C 45 11.17 -28.47 -9.36
N LYS C 46 11.07 -27.73 -8.26
CA LYS C 46 11.22 -26.30 -8.30
C LYS C 46 12.69 -25.92 -8.46
N PRO C 47 12.98 -24.97 -9.35
CA PRO C 47 14.37 -24.59 -9.65
C PRO C 47 15.16 -24.23 -8.37
N PRO C 48 16.34 -24.84 -8.18
CA PRO C 48 17.20 -24.47 -7.07
C PRO C 48 17.46 -22.96 -6.98
N VAL C 49 17.41 -22.41 -5.77
CA VAL C 49 17.77 -21.01 -5.53
C VAL C 49 19.22 -20.98 -5.05
N VAL C 50 20.12 -20.46 -5.88
CA VAL C 50 21.54 -20.37 -5.55
C VAL C 50 21.83 -19.00 -4.95
N LEU C 51 22.43 -19.04 -3.77
CA LEU C 51 22.68 -17.85 -2.97
C LEU C 51 24.12 -17.35 -3.16
N LEU C 52 24.23 -16.12 -3.65
CA LEU C 52 25.50 -15.47 -3.83
C LEU C 52 25.75 -14.52 -2.66
N HIS C 53 26.70 -14.86 -1.80
CA HIS C 53 26.94 -14.05 -0.60
C HIS C 53 27.66 -12.77 -0.96
N GLY C 54 27.70 -11.83 -0.04
CA GLY C 54 28.34 -10.56 -0.28
C GLY C 54 29.82 -10.51 -0.02
N GLY C 55 30.28 -9.26 0.23
CA GLY C 55 31.65 -8.94 0.46
C GLY C 55 32.19 -8.08 -0.67
N PRO C 56 32.93 -8.67 -1.59
CA PRO C 56 33.37 -10.05 -1.66
C PRO C 56 34.20 -10.48 -0.43
N GLY C 57 34.40 -11.78 -0.29
CA GLY C 57 35.25 -12.33 0.75
C GLY C 57 34.48 -12.58 2.02
N SER C 58 33.16 -12.54 1.93
CA SER C 58 32.32 -12.88 3.06
C SER C 58 32.11 -14.38 3.00
N THR C 59 31.14 -14.92 3.75
CA THR C 59 30.76 -16.35 3.65
C THR C 59 29.23 -16.54 3.66
N HIS C 60 28.77 -17.78 3.42
CA HIS C 60 27.35 -18.10 3.32
C HIS C 60 26.62 -18.05 4.66
N ASP C 61 27.38 -18.11 5.75
CA ASP C 61 26.79 -18.39 7.09
C ASP C 61 25.64 -17.45 7.43
N TYR C 62 25.83 -16.16 7.17
CA TYR C 62 24.83 -15.15 7.53
C TYR C 62 23.52 -15.28 6.74
N LEU C 63 23.51 -16.09 5.66
CA LEU C 63 22.33 -16.31 4.86
C LEU C 63 21.64 -17.61 5.20
N LEU C 64 22.06 -18.27 6.28
CA LEU C 64 21.51 -19.57 6.61
C LEU C 64 19.99 -19.56 6.88
N ALA C 65 19.45 -18.41 7.31
CA ALA C 65 18.02 -18.30 7.56
C ALA C 65 17.20 -18.62 6.31
N MET C 66 17.80 -18.46 5.14
CA MET C 66 17.11 -18.68 3.90
C MET C 66 16.82 -20.17 3.61
N THR C 67 17.35 -21.07 4.43
CA THR C 67 16.88 -22.46 4.37
C THR C 67 15.35 -22.57 4.56
N SER C 68 14.72 -21.53 5.07
CA SER C 68 13.24 -21.54 5.30
C SER C 68 12.48 -21.70 3.97
N LEU C 69 13.07 -21.24 2.88
CA LEU C 69 12.47 -21.36 1.54
C LEU C 69 12.16 -22.80 1.14
N THR C 70 12.97 -23.74 1.62
CA THR C 70 12.71 -25.17 1.41
C THR C 70 11.36 -25.63 1.95
N GLU C 71 10.80 -24.89 2.93
CA GLU C 71 9.45 -25.18 3.42
C GLU C 71 8.36 -25.01 2.34
N ALA C 72 8.64 -24.21 1.30
CA ALA C 72 7.71 -24.04 0.17
C ALA C 72 8.07 -24.86 -1.08
N GLY C 73 8.98 -25.82 -0.91
CA GLY C 73 9.42 -26.68 -2.03
C GLY C 73 10.59 -26.14 -2.85
N TRP C 74 11.20 -25.05 -2.41
CA TRP C 74 12.35 -24.51 -3.15
C TRP C 74 13.65 -25.05 -2.55
N PRO C 75 14.42 -25.81 -3.35
CA PRO C 75 15.73 -26.19 -2.84
C PRO C 75 16.67 -24.97 -2.77
N VAL C 76 17.59 -24.99 -1.82
CA VAL C 76 18.48 -23.85 -1.58
C VAL C 76 19.94 -24.28 -1.61
N VAL C 77 20.75 -23.57 -2.40
CA VAL C 77 22.18 -23.80 -2.46
C VAL C 77 22.95 -22.65 -1.82
N HIS C 78 23.62 -22.94 -0.72
CA HIS C 78 24.60 -22.00 -0.18
C HIS C 78 25.96 -22.41 -0.68
N TYR C 79 26.85 -21.45 -0.84
CA TYR C 79 28.25 -21.74 -1.11
C TYR C 79 29.18 -20.62 -0.71
N ASP C 80 30.43 -20.99 -0.42
CA ASP C 80 31.43 -20.04 -0.06
C ASP C 80 32.23 -19.79 -1.30
N GLN C 81 32.36 -18.53 -1.67
CA GLN C 81 33.17 -18.14 -2.82
C GLN C 81 34.66 -18.35 -2.55
N LEU C 82 35.42 -18.57 -3.61
CA LEU C 82 36.85 -18.82 -3.48
C LEU C 82 37.53 -17.78 -2.58
N GLY C 83 38.37 -18.24 -1.66
CA GLY C 83 39.14 -17.33 -0.82
C GLY C 83 38.71 -17.20 0.62
N ASN C 84 37.54 -17.73 0.99
CA ASN C 84 37.14 -17.77 2.41
C ASN C 84 36.22 -18.94 2.68
N GLY C 85 35.86 -19.09 3.96
CA GLY C 85 34.94 -20.12 4.40
C GLY C 85 35.46 -21.52 4.18
N GLY C 86 34.64 -22.37 3.59
CA GLY C 86 34.99 -23.76 3.29
C GLY C 86 35.75 -23.96 1.99
N SER C 87 35.88 -22.91 1.18
CA SER C 87 36.59 -23.01 -0.08
C SER C 87 38.08 -22.83 0.15
N THR C 88 38.89 -23.03 -0.89
CA THR C 88 40.34 -22.82 -0.77
C THR C 88 40.63 -21.37 -0.34
N HIS C 89 41.51 -21.20 0.65
CA HIS C 89 41.99 -19.89 1.07
C HIS C 89 43.31 -19.65 0.35
N LEU C 90 43.50 -18.42 -0.13
CA LEU C 90 44.67 -18.08 -0.95
C LEU C 90 45.20 -16.72 -0.48
N PRO C 91 45.69 -16.67 0.77
CA PRO C 91 46.14 -15.42 1.40
C PRO C 91 47.34 -14.79 0.69
N GLU C 92 48.10 -15.61 0.00
CA GLU C 92 49.29 -15.16 -0.72
C GLU C 92 48.96 -14.53 -2.08
N LYS C 93 47.69 -14.55 -2.48
CA LYS C 93 47.27 -13.95 -3.74
C LYS C 93 46.91 -12.47 -3.61
N GLY C 94 47.55 -11.66 -4.44
CA GLY C 94 47.43 -10.21 -4.42
C GLY C 94 46.26 -9.70 -5.24
N GLU C 95 46.22 -8.38 -5.40
CA GLU C 95 45.05 -7.73 -5.96
C GLU C 95 44.79 -8.02 -7.44
N ASP C 96 45.80 -8.49 -8.18
CA ASP C 96 45.59 -8.84 -9.59
C ASP C 96 44.84 -10.15 -9.77
N PHE C 97 44.87 -11.01 -8.74
CA PHE C 97 44.18 -12.31 -8.79
C PHE C 97 42.68 -12.22 -8.50
N TRP C 98 42.33 -11.36 -7.55
CA TRP C 98 40.94 -11.30 -7.08
C TRP C 98 40.12 -10.39 -7.98
N THR C 99 39.43 -11.00 -8.94
CA THR C 99 38.74 -10.24 -9.97
C THR C 99 37.27 -10.66 -10.06
N VAL C 100 36.46 -9.77 -10.61
CA VAL C 100 35.06 -10.09 -10.86
C VAL C 100 34.96 -11.33 -11.77
N GLN C 101 35.83 -11.41 -12.79
CA GLN C 101 35.83 -12.55 -13.74
C GLN C 101 36.02 -13.90 -13.03
N LEU C 102 36.90 -13.92 -12.03
CA LEU C 102 37.20 -15.15 -11.27
C LEU C 102 35.97 -15.75 -10.58
N PHE C 103 35.13 -14.89 -9.99
CA PHE C 103 33.91 -15.32 -9.29
C PHE C 103 32.77 -15.62 -10.27
N GLU C 104 32.76 -14.97 -11.43
CA GLU C 104 31.87 -15.36 -12.55
C GLU C 104 32.13 -16.79 -12.99
N ASP C 105 33.40 -17.12 -13.13
CA ASP C 105 33.81 -18.47 -13.57
C ASP C 105 33.54 -19.51 -12.49
N GLU C 106 33.82 -19.16 -11.24
CA GLU C 106 33.47 -20.04 -10.10
C GLU C 106 31.99 -20.36 -10.07
N LEU C 107 31.16 -19.34 -10.20
CA LEU C 107 29.71 -19.52 -10.21
C LEU C 107 29.29 -20.45 -11.36
N ASP C 108 29.72 -20.11 -12.57
CA ASP C 108 29.46 -20.97 -13.75
C ASP C 108 29.85 -22.41 -13.46
N ASN C 109 31.07 -22.60 -12.98
CA ASN C 109 31.56 -23.93 -12.66
C ASN C 109 30.65 -24.65 -11.66
N LEU C 110 30.31 -23.99 -10.55
CA LEU C 110 29.48 -24.61 -9.53
C LEU C 110 28.16 -25.10 -10.13
N LEU C 111 27.50 -24.23 -10.88
CA LEU C 111 26.21 -24.58 -11.49
C LEU C 111 26.38 -25.86 -12.32
N ASN C 112 27.46 -25.93 -13.10
CA ASN C 112 27.76 -27.08 -13.95
C ASN C 112 28.05 -28.33 -13.15
N GLN C 113 28.88 -28.20 -12.12
CA GLN C 113 29.27 -29.34 -11.30
C GLN C 113 28.12 -29.90 -10.47
N LEU C 114 27.17 -29.03 -10.09
CA LEU C 114 26.00 -29.48 -9.34
C LEU C 114 24.89 -30.00 -10.25
N GLY C 115 25.05 -29.83 -11.56
CA GLY C 115 24.09 -30.30 -12.53
C GLY C 115 22.80 -29.51 -12.49
N ILE C 116 22.90 -28.20 -12.21
CA ILE C 116 21.71 -27.36 -12.12
C ILE C 116 21.73 -26.20 -13.09
N ALA C 117 22.68 -26.19 -14.02
CA ALA C 117 22.84 -25.09 -14.96
C ALA C 117 21.68 -24.95 -15.97
N GLY C 118 20.76 -25.92 -16.02
CA GLY C 118 19.61 -25.86 -16.92
C GLY C 118 18.37 -25.20 -16.35
N ASP C 119 18.35 -24.99 -15.04
CA ASP C 119 17.18 -24.42 -14.37
C ASP C 119 17.60 -24.00 -12.96
N TYR C 120 17.74 -22.69 -12.74
CA TYR C 120 18.13 -22.16 -11.41
C TYR C 120 17.67 -20.72 -11.22
N VAL C 121 17.58 -20.29 -9.97
CA VAL C 121 17.35 -18.90 -9.64
C VAL C 121 18.55 -18.40 -8.87
N LEU C 122 18.96 -17.16 -9.15
CA LEU C 122 20.05 -16.53 -8.40
C LEU C 122 19.52 -15.52 -7.40
N PHE C 123 19.98 -15.62 -6.17
CA PHE C 123 19.72 -14.60 -5.14
C PHE C 123 21.07 -14.06 -4.75
N GLY C 124 21.33 -12.83 -5.19
CA GLY C 124 22.58 -12.15 -4.87
C GLY C 124 22.39 -11.08 -3.79
N GLN C 125 23.13 -11.22 -2.68
CA GLN C 125 23.06 -10.30 -1.54
C GLN C 125 24.33 -9.45 -1.46
N SER C 126 24.16 -8.12 -1.37
CA SER C 126 25.27 -7.18 -1.32
C SER C 126 26.07 -7.35 -2.61
N TRP C 127 27.38 -7.55 -2.54
CA TRP C 127 28.21 -7.80 -3.72
C TRP C 127 27.67 -8.95 -4.55
N GLY C 128 27.06 -9.95 -3.90
CA GLY C 128 26.49 -11.08 -4.62
C GLY C 128 25.44 -10.64 -5.63
N GLY C 129 24.70 -9.59 -5.30
CA GLY C 129 23.72 -8.98 -6.22
C GLY C 129 24.37 -8.39 -7.45
N MET C 130 25.55 -7.80 -7.28
CA MET C 130 26.32 -7.23 -8.40
C MET C 130 26.88 -8.34 -9.31
N LEU C 131 27.43 -9.39 -8.69
CA LEU C 131 27.90 -10.58 -9.41
C LEU C 131 26.75 -11.28 -10.13
N GLY C 132 25.61 -11.42 -9.44
CA GLY C 132 24.40 -11.96 -10.04
C GLY C 132 23.96 -11.17 -11.26
N SER C 133 24.10 -9.85 -11.20
CA SER C 133 23.67 -8.96 -12.29
C SER C 133 24.50 -9.17 -13.55
N VAL C 134 25.81 -9.23 -13.35
CA VAL C 134 26.74 -9.47 -14.45
C VAL C 134 26.51 -10.86 -15.08
N HIS C 135 26.30 -11.87 -14.23
CA HIS C 135 26.00 -13.21 -14.72
C HIS C 135 24.69 -13.23 -15.56
N ALA C 136 23.63 -12.63 -15.04
CA ALA C 136 22.34 -12.53 -15.76
C ALA C 136 22.39 -11.75 -17.09
N ALA C 137 23.29 -10.78 -17.18
CA ALA C 137 23.40 -9.92 -18.36
C ALA C 137 23.93 -10.69 -19.57
N ARG C 138 24.66 -11.78 -19.31
CA ARG C 138 25.18 -12.68 -20.35
C ARG C 138 24.11 -13.65 -20.89
N ARG C 139 22.91 -13.55 -20.33
CA ARG C 139 21.73 -14.29 -20.77
C ARG C 139 21.95 -15.81 -20.87
N PRO C 140 22.41 -16.44 -19.77
CA PRO C 140 22.57 -17.89 -19.75
C PRO C 140 21.21 -18.59 -19.79
N ALA C 141 21.11 -19.69 -20.53
CA ALA C 141 19.82 -20.30 -20.88
C ALA C 141 19.03 -20.85 -19.69
N GLY C 142 19.73 -21.32 -18.66
CA GLY C 142 19.06 -21.94 -17.51
C GLY C 142 18.48 -21.00 -16.47
N LEU C 143 18.94 -19.75 -16.47
CA LEU C 143 18.55 -18.78 -15.45
C LEU C 143 17.07 -18.44 -15.52
N ARG C 144 16.36 -18.60 -14.40
CA ARG C 144 14.93 -18.36 -14.36
C ARG C 144 14.62 -16.99 -13.77
N GLY C 145 15.45 -16.54 -12.84
CA GLY C 145 15.24 -15.25 -12.20
C GLY C 145 16.45 -14.78 -11.41
N LEU C 146 16.43 -13.49 -11.06
CA LEU C 146 17.49 -12.86 -10.29
C LEU C 146 16.90 -11.94 -9.22
N VAL C 147 17.34 -12.14 -7.98
CA VAL C 147 17.06 -11.20 -6.91
C VAL C 147 18.36 -10.49 -6.54
N VAL C 148 18.32 -9.15 -6.58
CA VAL C 148 19.42 -8.33 -6.07
C VAL C 148 18.95 -7.77 -4.73
N ALA C 149 19.47 -8.35 -3.66
CA ALA C 149 19.03 -8.01 -2.32
C ALA C 149 20.10 -7.19 -1.59
N ASN C 150 19.74 -6.03 -1.06
CA ASN C 150 20.68 -5.20 -0.29
C ASN C 150 21.96 -4.94 -1.07
N ALA C 151 21.79 -4.71 -2.37
CA ALA C 151 22.90 -4.67 -3.33
C ALA C 151 22.84 -3.41 -4.16
N PRO C 152 23.96 -2.66 -4.21
CA PRO C 152 23.99 -1.43 -5.00
C PRO C 152 24.27 -1.72 -6.46
N ALA C 153 23.92 -0.78 -7.35
CA ALA C 153 24.23 -0.90 -8.77
C ALA C 153 25.60 -0.32 -9.08
N SER C 154 26.07 0.55 -8.21
CA SER C 154 27.37 1.19 -8.39
C SER C 154 28.01 1.53 -7.05
N MET C 155 29.30 1.23 -6.93
CA MET C 155 30.03 1.56 -5.71
C MET C 155 30.30 3.06 -5.60
N LYS C 156 30.31 3.76 -6.74
CA LYS C 156 30.38 5.21 -6.73
C LYS C 156 29.17 5.81 -6.00
N ILE C 157 27.96 5.39 -6.36
CA ILE C 157 26.76 5.86 -5.64
C ILE C 157 26.81 5.37 -4.17
N TRP C 158 27.26 4.14 -3.97
CA TRP C 158 27.46 3.62 -2.62
C TRP C 158 28.24 4.61 -1.76
N LEU C 159 29.43 5.01 -2.22
CA LEU C 159 30.28 5.92 -1.44
C LEU C 159 29.64 7.29 -1.18
N GLN C 160 28.92 7.81 -2.18
CA GLN C 160 28.20 9.08 -2.00
C GLN C 160 27.19 8.90 -0.89
N GLU C 161 26.47 7.78 -0.92
CA GLU C 161 25.45 7.53 0.09
C GLU C 161 26.04 7.25 1.46
N MET C 162 27.19 6.58 1.51
CA MET C 162 27.88 6.33 2.78
C MET C 162 28.22 7.68 3.42
N ALA C 163 28.71 8.65 2.64
CA ALA C 163 28.98 10.00 3.17
C ALA C 163 27.72 10.60 3.81
N ARG C 164 26.60 10.54 3.10
CA ARG C 164 25.34 11.09 3.61
C ARG C 164 24.92 10.45 4.93
N LEU C 165 24.93 9.11 4.98
CA LEU C 165 24.54 8.40 6.19
C LEU C 165 25.52 8.66 7.33
N ARG C 166 26.80 8.84 6.99
CA ARG C 166 27.82 9.06 8.03
C ARG C 166 27.60 10.44 8.67
N ALA C 167 27.10 11.38 7.89
CA ALA C 167 26.84 12.74 8.39
C ALA C 167 25.61 12.78 9.32
N LEU C 168 24.89 11.67 9.45
CA LEU C 168 23.78 11.57 10.40
C LEU C 168 24.20 10.88 11.70
N LEU C 169 25.44 10.42 11.76
CA LEU C 169 25.93 9.79 12.99
C LEU C 169 26.24 10.87 14.01
N PRO C 170 26.28 10.50 15.30
CA PRO C 170 26.69 11.48 16.29
C PRO C 170 28.07 12.10 15.93
N PRO C 171 28.27 13.41 16.20
CA PRO C 171 29.52 14.09 15.84
C PRO C 171 30.77 13.38 16.37
N ASP C 172 30.71 12.83 17.58
CA ASP C 172 31.86 12.11 18.13
C ASP C 172 32.20 10.82 17.34
N VAL C 173 31.18 10.08 16.92
CA VAL C 173 31.37 8.91 16.07
C VAL C 173 32.04 9.30 14.73
N GLN C 174 31.51 10.31 14.08
CA GLN C 174 32.09 10.82 12.84
C GLN C 174 33.58 11.13 12.99
N GLU C 175 33.91 11.86 14.04
CA GLU C 175 35.30 12.22 14.34
C GLU C 175 36.21 11.00 14.50
N THR C 176 35.76 10.05 15.31
CA THR C 176 36.51 8.80 15.52
C THR C 176 36.71 7.98 14.22
N LEU C 177 35.67 7.86 13.39
CA LEU C 177 35.79 7.14 12.12
C LEU C 177 36.86 7.80 11.25
N LEU C 178 36.75 9.12 11.16
CA LEU C 178 37.66 9.92 10.31
C LEU C 178 39.10 9.82 10.78
N LYS C 179 39.33 9.97 12.08
CA LYS C 179 40.70 9.92 12.61
C LYS C 179 41.41 8.63 12.22
N HIS C 180 40.79 7.49 12.54
CA HIS C 180 41.42 6.19 12.34
C HIS C 180 41.46 5.74 10.89
N GLU C 181 40.50 6.17 10.08
CA GLU C 181 40.56 5.94 8.62
C GLU C 181 41.73 6.70 7.97
N ALA C 182 41.93 7.95 8.35
CA ALA C 182 43.01 8.77 7.76
C ALA C 182 44.36 8.15 8.09
N ALA C 183 44.53 7.75 9.34
CA ALA C 183 45.76 7.14 9.84
C ALA C 183 45.90 5.61 9.60
N ARG C 184 44.91 5.00 8.95
CA ARG C 184 44.88 3.54 8.72
C ARG C 184 45.08 2.75 10.00
N THR C 185 44.40 3.16 11.07
CA THR C 185 44.34 2.43 12.32
C THR C 185 42.91 1.94 12.57
N THR C 186 42.26 1.43 11.52
CA THR C 186 40.89 0.92 11.65
C THR C 186 40.78 -0.42 12.40
N ASP C 187 41.90 -1.02 12.76
CA ASP C 187 41.88 -2.20 13.63
C ASP C 187 41.79 -1.87 15.13
N THR C 188 41.80 -0.58 15.50
CA THR C 188 41.71 -0.19 16.91
C THR C 188 40.30 -0.42 17.47
N GLU C 189 40.22 -0.64 18.77
CA GLU C 189 38.92 -0.92 19.40
C GLU C 189 38.05 0.32 19.34
N GLU C 190 38.69 1.48 19.47
CA GLU C 190 38.00 2.77 19.35
C GLU C 190 37.28 2.91 17.99
N TYR C 191 37.97 2.58 16.90
CA TYR C 191 37.32 2.59 15.57
C TYR C 191 36.21 1.55 15.44
N PHE C 192 36.43 0.36 15.99
CA PHE C 192 35.41 -0.69 15.94
C PHE C 192 34.09 -0.23 16.54
N HIS C 193 34.16 0.40 17.70
CA HIS C 193 32.95 0.82 18.36
C HIS C 193 32.22 1.93 17.63
N ALA C 194 32.98 2.80 16.94
CA ALA C 194 32.38 3.79 16.06
C ALA C 194 31.71 3.12 14.86
N MET C 195 32.42 2.17 14.26
CA MET C 195 31.90 1.36 13.16
C MET C 195 30.57 0.69 13.53
N ARG C 196 30.46 0.20 14.77
CA ARG C 196 29.22 -0.42 15.27
C ARG C 196 28.05 0.55 15.30
N ALA C 197 28.33 1.84 15.47
CA ALA C 197 27.28 2.86 15.46
C ALA C 197 26.60 2.89 14.10
N PHE C 198 27.40 2.74 13.05
CA PHE C 198 26.86 2.63 11.71
C PHE C 198 26.14 1.31 11.47
N TYR C 199 26.81 0.20 11.80
CA TYR C 199 26.27 -1.15 11.57
C TYR C 199 24.94 -1.34 12.29
N ASP C 200 24.83 -0.78 13.48
CA ASP C 200 23.64 -1.01 14.31
C ASP C 200 22.44 -0.26 13.70
N ARG C 201 22.71 0.74 12.85
CA ARG C 201 21.63 1.42 12.12
C ARG C 201 21.32 0.81 10.76
N HIS C 202 22.37 0.48 10.00
CA HIS C 202 22.24 0.21 8.57
C HIS C 202 22.69 -1.16 8.10
N VAL C 203 23.31 -1.97 8.95
CA VAL C 203 23.79 -3.27 8.50
C VAL C 203 23.02 -4.38 9.19
N CYS C 204 22.92 -4.33 10.52
CA CYS C 204 22.13 -5.31 11.26
C CYS C 204 21.61 -4.67 12.54
N ARG C 205 20.31 -4.49 12.60
CA ARG C 205 19.67 -3.78 13.70
C ARG C 205 19.37 -4.69 14.88
N ILE C 206 19.58 -6.00 14.70
CA ILE C 206 19.47 -6.95 15.80
C ILE C 206 20.78 -6.93 16.57
N VAL C 207 20.72 -6.53 17.84
CA VAL C 207 21.90 -6.41 18.69
C VAL C 207 21.56 -7.05 20.04
N PRO C 208 22.39 -8.01 20.51
CA PRO C 208 23.60 -8.50 19.88
C PRO C 208 23.32 -9.24 18.57
N TRP C 209 24.36 -9.37 17.77
CA TRP C 209 24.20 -9.95 16.44
C TRP C 209 23.64 -11.38 16.49
N PRO C 210 22.78 -11.73 15.52
CA PRO C 210 22.40 -13.13 15.29
C PRO C 210 23.65 -13.98 15.13
N ARG C 211 23.61 -15.21 15.64
CA ARG C 211 24.77 -16.08 15.58
C ARG C 211 25.31 -16.25 14.14
N ASP C 212 24.41 -16.41 13.17
CA ASP C 212 24.81 -16.58 11.76
C ASP C 212 25.61 -15.37 11.22
N PHE C 213 25.20 -14.18 11.66
CA PHE C 213 25.84 -12.95 11.23
C PHE C 213 27.22 -12.86 11.86
N ALA C 214 27.30 -13.18 13.14
CA ALA C 214 28.59 -13.19 13.84
C ALA C 214 29.59 -14.18 13.23
N ALA C 215 29.09 -15.29 12.71
CA ALA C 215 29.94 -16.35 12.18
C ALA C 215 30.60 -15.86 10.90
N THR C 216 29.82 -15.25 10.05
CA THR C 216 30.36 -14.67 8.84
C THR C 216 31.36 -13.56 9.19
N PHE C 217 31.00 -12.71 10.13
CA PHE C 217 31.85 -11.59 10.53
C PHE C 217 33.24 -12.12 10.97
N MET C 218 33.26 -13.17 11.79
CA MET C 218 34.55 -13.77 12.19
C MET C 218 35.27 -14.53 11.08
N GLU C 219 34.53 -15.11 10.16
CA GLU C 219 35.18 -15.71 8.99
C GLU C 219 35.96 -14.64 8.21
N ILE C 220 35.36 -13.45 8.05
CA ILE C 220 36.06 -12.31 7.43
C ILE C 220 37.26 -11.90 8.28
N TYR C 221 37.06 -11.82 9.60
CA TYR C 221 38.14 -11.41 10.46
C TYR C 221 39.32 -12.38 10.40
N ASN C 222 39.03 -13.68 10.28
CA ASN C 222 40.06 -14.71 10.38
C ASN C 222 40.78 -14.92 9.06
N ASP C 223 40.14 -14.59 7.95
CA ASP C 223 40.86 -14.44 6.69
C ASP C 223 40.28 -13.29 5.86
N PRO C 224 40.76 -12.07 6.10
CA PRO C 224 40.19 -10.88 5.51
C PRO C 224 40.80 -10.62 4.13
N THR C 225 41.50 -11.61 3.59
CA THR C 225 42.20 -11.46 2.32
C THR C 225 41.33 -10.88 1.21
N VAL C 226 40.25 -11.58 0.88
CA VAL C 226 39.41 -11.16 -0.24
C VAL C 226 38.69 -9.83 0.05
N TYR C 227 38.04 -9.76 1.23
CA TYR C 227 37.25 -8.59 1.63
C TYR C 227 38.09 -7.30 1.63
N THR C 228 39.25 -7.33 2.29
CA THR C 228 40.07 -6.13 2.40
C THR C 228 40.73 -5.76 1.08
N THR C 229 40.92 -6.73 0.19
CA THR C 229 41.50 -6.45 -1.12
C THR C 229 40.49 -5.76 -2.03
N MET C 230 39.29 -6.32 -2.09
CA MET C 230 38.30 -5.90 -3.07
C MET C 230 37.35 -4.83 -2.53
N ASN C 231 36.93 -4.97 -1.28
CA ASN C 231 36.03 -4.01 -0.69
C ASN C 231 36.74 -2.95 0.14
N GLY C 232 37.44 -3.37 1.18
CA GLY C 232 37.97 -2.43 2.17
C GLY C 232 37.76 -3.02 3.55
N PRO C 233 38.08 -2.25 4.62
CA PRO C 233 38.03 -2.87 5.95
C PRO C 233 36.64 -3.14 6.55
N ASN C 234 35.60 -2.51 5.99
CA ASN C 234 34.25 -2.67 6.48
C ASN C 234 33.27 -2.24 5.40
N GLU C 235 31.99 -2.25 5.72
CA GLU C 235 30.92 -2.05 4.71
C GLU C 235 30.92 -0.67 4.05
N PHE C 236 31.26 0.36 4.81
CA PHE C 236 31.12 1.73 4.33
C PHE C 236 32.43 2.35 3.84
N HIS C 237 33.58 1.90 4.37
CA HIS C 237 34.88 2.48 4.04
C HIS C 237 35.42 1.67 2.88
N VAL C 238 34.89 1.92 1.70
CA VAL C 238 35.17 1.08 0.56
C VAL C 238 36.37 1.70 -0.16
N ILE C 239 37.55 1.13 0.09
CA ILE C 239 38.81 1.63 -0.47
C ILE C 239 39.56 0.57 -1.26
N GLY C 240 38.89 -0.53 -1.60
CA GLY C 240 39.51 -1.65 -2.29
C GLY C 240 39.33 -1.50 -3.78
N THR C 241 39.65 -2.55 -4.52
CA THR C 241 39.71 -2.49 -5.99
C THR C 241 38.36 -2.30 -6.65
N LEU C 242 37.27 -2.55 -5.93
CA LEU C 242 35.93 -2.36 -6.48
C LEU C 242 35.36 -0.97 -6.23
N ARG C 243 36.14 -0.08 -5.62
CA ARG C 243 35.59 1.21 -5.17
C ARG C 243 34.94 2.05 -6.27
N ASP C 244 35.40 1.91 -7.51
CA ASP C 244 34.77 2.64 -8.63
C ASP C 244 33.91 1.75 -9.50
N TRP C 245 33.64 0.54 -9.05
CA TRP C 245 32.97 -0.43 -9.89
C TRP C 245 31.45 -0.18 -9.98
N SER C 246 30.92 -0.29 -11.19
CA SER C 246 29.49 -0.10 -11.49
C SER C 246 29.03 -1.26 -12.37
N VAL C 247 27.82 -1.78 -12.14
CA VAL C 247 27.22 -2.77 -13.06
C VAL C 247 26.15 -2.17 -14.00
N GLU C 248 25.97 -0.86 -13.93
CA GLU C 248 24.92 -0.15 -14.68
C GLU C 248 24.89 -0.47 -16.18
N ASP C 249 26.07 -0.61 -16.78
CA ASP C 249 26.20 -0.89 -18.23
C ASP C 249 25.48 -2.14 -18.68
N CYS C 250 25.41 -3.16 -17.83
CA CYS C 250 24.87 -4.45 -18.26
C CYS C 250 23.39 -4.66 -17.90
N LEU C 251 22.84 -3.77 -17.09
CA LEU C 251 21.48 -3.95 -16.58
C LEU C 251 20.42 -4.04 -17.67
N PRO C 252 20.50 -3.19 -18.70
CA PRO C 252 19.57 -3.34 -19.82
C PRO C 252 19.52 -4.73 -20.47
N ASP C 253 20.63 -5.48 -20.43
CA ASP C 253 20.69 -6.82 -21.05
C ASP C 253 20.03 -7.94 -20.23
N ILE C 254 19.61 -7.65 -19.01
CA ILE C 254 18.98 -8.67 -18.17
C ILE C 254 17.56 -8.92 -18.66
N GLN C 255 17.23 -10.19 -18.92
CA GLN C 255 15.94 -10.58 -19.51
C GLN C 255 14.99 -11.21 -18.55
N VAL C 256 15.53 -11.86 -17.52
CA VAL C 256 14.70 -12.58 -16.57
C VAL C 256 14.01 -11.63 -15.62
N PRO C 257 12.84 -12.03 -15.08
CA PRO C 257 12.18 -11.24 -14.04
C PRO C 257 13.12 -11.04 -12.85
N THR C 258 13.32 -9.77 -12.49
CA THR C 258 14.28 -9.40 -11.47
C THR C 258 13.57 -8.70 -10.31
N MET C 259 14.00 -8.99 -9.08
CA MET C 259 13.49 -8.27 -7.93
C MET C 259 14.61 -7.54 -7.21
N VAL C 260 14.36 -6.26 -6.92
CA VAL C 260 15.22 -5.46 -6.05
C VAL C 260 14.60 -5.47 -4.66
N LEU C 261 15.38 -5.92 -3.70
CA LEU C 261 14.87 -6.06 -2.34
C LEU C 261 15.82 -5.35 -1.41
N ILE C 262 15.37 -4.26 -0.79
CA ILE C 262 16.18 -3.58 0.21
C ILE C 262 15.42 -3.33 1.51
N GLY C 263 16.16 -3.07 2.58
CA GLY C 263 15.57 -2.62 3.84
C GLY C 263 15.32 -1.13 3.88
N ARG C 264 14.32 -0.73 4.67
CA ARG C 264 14.06 0.69 4.95
C ARG C 264 15.31 1.40 5.50
N HIS C 265 16.02 0.74 6.42
CA HIS C 265 17.21 1.32 7.06
C HIS C 265 18.55 0.92 6.40
N ASP C 266 18.48 0.33 5.21
CA ASP C 266 19.60 -0.35 4.56
C ASP C 266 20.66 0.65 4.10
N GLU C 267 21.93 0.29 4.30
CA GLU C 267 23.06 1.00 3.66
C GLU C 267 22.90 0.98 2.15
N ALA C 268 22.28 -0.07 1.63
CA ALA C 268 21.85 -0.05 0.22
C ALA C 268 20.60 0.82 0.12
N THR C 269 20.84 2.13 -0.02
CA THR C 269 19.78 3.13 -0.02
C THR C 269 19.01 3.11 -1.34
N PRO C 270 17.84 3.76 -1.37
CA PRO C 270 17.09 3.81 -2.60
C PRO C 270 17.93 4.36 -3.76
N ALA C 271 18.77 5.34 -3.48
CA ALA C 271 19.64 5.92 -4.52
C ALA C 271 20.64 4.91 -5.11
N THR C 272 21.13 3.98 -4.28
CA THR C 272 22.06 2.95 -4.79
C THR C 272 21.42 1.92 -5.70
N VAL C 273 20.11 1.67 -5.54
CA VAL C 273 19.40 0.65 -6.32
C VAL C 273 18.55 1.25 -7.44
N LYS C 274 18.32 2.56 -7.40
CA LYS C 274 17.51 3.24 -8.44
C LYS C 274 17.86 2.82 -9.88
N PRO C 275 19.17 2.69 -10.22
CA PRO C 275 19.53 2.21 -11.55
C PRO C 275 18.92 0.85 -11.95
N PHE C 276 18.75 -0.08 -11.02
CA PHE C 276 18.08 -1.35 -11.33
C PHE C 276 16.65 -1.05 -11.77
N LEU C 277 15.99 -0.17 -11.01
CA LEU C 277 14.61 0.18 -11.29
C LEU C 277 14.48 0.91 -12.62
N ASP C 278 15.50 1.70 -12.97
CA ASP C 278 15.49 2.45 -14.23
C ASP C 278 15.95 1.67 -15.47
N LEU C 279 16.79 0.65 -15.30
CA LEU C 279 17.47 0.01 -16.43
C LEU C 279 17.09 -1.44 -16.72
N VAL C 280 16.65 -2.17 -15.69
CA VAL C 280 16.27 -3.57 -15.87
C VAL C 280 14.85 -3.67 -16.40
N PRO C 281 14.64 -4.31 -17.57
CA PRO C 281 13.33 -4.25 -18.25
C PRO C 281 12.16 -4.85 -17.46
N ASP C 282 12.40 -5.95 -16.75
CA ASP C 282 11.37 -6.62 -15.97
C ASP C 282 11.84 -6.60 -14.53
N VAL C 283 11.34 -5.64 -13.76
CA VAL C 283 11.86 -5.41 -12.41
C VAL C 283 10.77 -5.11 -11.39
N ARG C 284 10.93 -5.70 -10.22
CA ARG C 284 10.03 -5.57 -9.10
C ARG C 284 10.83 -4.96 -7.96
N TYR C 285 10.19 -4.10 -7.16
CA TYR C 285 10.85 -3.36 -6.11
C TYR C 285 10.18 -3.65 -4.78
N GLU C 286 10.95 -4.09 -3.79
CA GLU C 286 10.41 -4.33 -2.46
C GLU C 286 11.26 -3.65 -1.39
N VAL C 287 10.62 -2.90 -0.51
CA VAL C 287 11.31 -2.26 0.60
C VAL C 287 10.76 -2.90 1.89
N LEU C 288 11.65 -3.53 2.66
CA LEU C 288 11.25 -4.15 3.91
C LEU C 288 11.43 -3.17 5.06
N GLU C 289 10.30 -2.83 5.68
CA GLU C 289 10.15 -1.61 6.47
C GLU C 289 10.82 -1.63 7.84
N ASN C 290 11.03 -2.82 8.40
CA ASN C 290 11.66 -2.96 9.71
C ASN C 290 13.04 -3.64 9.62
N SER C 291 13.70 -3.49 8.46
CA SER C 291 14.96 -4.15 8.13
C SER C 291 15.97 -3.12 7.66
N SER C 292 17.24 -3.48 7.75
CA SER C 292 18.31 -2.73 7.11
C SER C 292 18.96 -3.63 6.04
N HIS C 293 20.17 -4.13 6.30
CA HIS C 293 20.94 -4.86 5.28
C HIS C 293 20.71 -6.37 5.29
N VAL C 294 20.07 -6.90 6.35
CA VAL C 294 19.87 -8.34 6.48
C VAL C 294 18.41 -8.70 6.86
N PRO C 295 17.45 -8.34 5.98
CA PRO C 295 16.02 -8.56 6.24
C PRO C 295 15.62 -10.01 6.48
N HIS C 296 16.36 -10.93 5.86
CA HIS C 296 16.16 -12.35 6.12
C HIS C 296 16.33 -12.70 7.62
N LEU C 297 17.09 -11.90 8.37
CA LEU C 297 17.20 -12.03 9.83
C LEU C 297 16.30 -11.05 10.61
N GLU C 298 16.22 -9.83 10.11
CA GLU C 298 15.54 -8.73 10.79
C GLU C 298 14.01 -8.85 10.69
N GLU C 299 13.53 -9.34 9.54
CA GLU C 299 12.10 -9.60 9.31
C GLU C 299 11.95 -10.97 8.65
N PRO C 300 12.30 -12.04 9.38
CA PRO C 300 12.39 -13.41 8.83
C PRO C 300 11.10 -13.88 8.13
N GLU C 301 9.95 -13.68 8.78
CA GLU C 301 8.66 -14.06 8.20
C GLU C 301 8.28 -13.23 6.96
N ARG C 302 8.39 -11.90 7.05
CA ARG C 302 8.04 -11.07 5.90
C ARG C 302 8.99 -11.29 4.72
N PHE C 303 10.29 -11.43 5.01
CA PHE C 303 11.27 -11.73 3.95
C PHE C 303 10.89 -13.03 3.25
N HIS C 304 10.62 -14.06 4.04
CA HIS C 304 10.18 -15.34 3.51
C HIS C 304 8.97 -15.21 2.56
N GLU C 305 7.96 -14.43 2.97
CA GLU C 305 6.74 -14.26 2.17
C GLU C 305 7.00 -13.56 0.84
N VAL C 306 7.80 -12.50 0.88
CA VAL C 306 8.11 -11.77 -0.34
C VAL C 306 8.92 -12.64 -1.30
N MET C 307 9.89 -13.40 -0.80
CA MET C 307 10.69 -14.30 -1.62
C MET C 307 9.84 -15.39 -2.28
N ILE C 308 8.99 -16.05 -1.49
CA ILE C 308 8.09 -17.08 -2.03
C ILE C 308 7.13 -16.50 -3.05
N ASP C 309 6.59 -15.32 -2.77
CA ASP C 309 5.72 -14.65 -3.73
C ASP C 309 6.46 -14.44 -5.05
N TYR C 310 7.68 -13.92 -4.98
CA TYR C 310 8.47 -13.68 -6.19
C TYR C 310 8.79 -15.01 -6.90
N LEU C 311 9.32 -15.97 -6.14
CA LEU C 311 9.76 -17.25 -6.70
C LEU C 311 8.62 -17.99 -7.40
N GLU C 312 7.44 -18.02 -6.80
CA GLU C 312 6.28 -18.66 -7.43
C GLU C 312 5.83 -17.97 -8.71
N SER C 313 6.08 -16.67 -8.81
CA SER C 313 5.73 -15.92 -10.03
C SER C 313 6.56 -16.32 -11.24
N LEU C 314 7.70 -16.99 -11.01
CA LEU C 314 8.61 -17.43 -12.08
C LEU C 314 8.23 -18.74 -12.79
N VAL C 315 7.38 -19.55 -12.17
CA VAL C 315 7.08 -20.91 -12.66
C VAL C 315 5.57 -21.15 -12.86
#